data_3L4Y
#
_entry.id   3L4Y
#
_cell.length_a   87.128
_cell.length_b   109.358
_cell.length_c   109.519
_cell.angle_alpha   90.000
_cell.angle_beta   90.000
_cell.angle_gamma   90.000
#
_symmetry.space_group_name_H-M   'P 21 21 21'
#
loop_
_entity.id
_entity.type
_entity.pdbx_description
1 polymer 'Maltase-glucoamylase, intestinal'
2 branched 2-acetamido-2-deoxy-beta-D-glucopyranose-(1-4)-2-acetamido-2-deoxy-beta-D-glucopyranose
3 non-polymer '(1S,2R,3S,4R)-1-{(1S)-2-[(2R,3S,4S)-3,4-dihydroxy-2-(hydroxymethyl)tetrahydrothiophenium-1-yl]-1-hydroxyethyl}-2,3,4,5-tetrahydroxypentyl sulfate'
4 non-polymer 2-acetamido-2-deoxy-beta-D-glucopyranose
5 non-polymer GLYCEROL
6 non-polymer 'SULFATE ION'
7 water water
#
_entity_poly.entity_id   1
_entity_poly.type   'polypeptide(L)'
_entity_poly.pdbx_seq_one_letter_code
;SAECPVVNELERINCIPDQPPTKATCDQRGCCWNPQGAVSVPWCYYSKNHSYHVEGNLVNTNAGFTARLKNLPSSPVFGS
NVDNVLLTAEYQTSNRFHFKLTDQTNNRFEVPHEHVQSFSGNAAASLTYQVEISRQPFSIKVTRRSNNRVLFDSSIGPLL
FADQFLQLSTRLPSTNVYGLGEHVHQQYRHDMNWKTWPIFNRDTTPNGNGTNLYGAQTFFLCLEDASGLSFGVFLMNSNA
MEVVLQPAPAITYRTIGGILDFYVFLGNTPEQVVQEYLELIGRPALPSYWALGFHLSRYEYGTLDNMREVVERNRAAQLP
YDVQHADIDYMDERRDFTYDSVDFKGFPEFVNELHNNGQKLVIIVDPAISNNSSSSKPYGPYDRGSDMKIWVNSSDGVTP
LIGEVWPGQTVFPDYTNPNCAVWWTKEFELFHNQVEFDGIWIDMNEVSNFVDGSVSGCSTNNLNNPPFTPRILDGYLFCK
TLCMDAVQHWGKQYDIHNLYGYSMAVATAEAAKTVFPNKRSFILTRSTFAGSGKFAAHWLGDNTATWDDLRWSIPGVLEF
NLFGIPMVGPDICGFALDTPEELCRRWMQLGAFYPFSRNHNGQGYKDQDPASFGADSLLLNSSRHYLNIRYTLLPYLYTL
FFRAHSRGDTVARPLLHEFYEDNSTWDVHQQFLWGPGLLITPVLDEGAEKVMAYVPDAVWYDYETGSQVRWRKQKVEMEL
PGDKIGLHLRGGYIFPTQQPNTTTLASRKNPLGLIIALDENKEAKGELFWDDGETKDTVANKVYLLCEFSVTQNRLEVNI
SQSTYKDPNNLAFNEIKILGTEEPSNVTVKHNGVPSQTSPTVTYDSNLKVAIITDIDLLLGEAYTVEWAHHHHHH
;
_entity_poly.pdbx_strand_id   A
#
# COMPACT_ATOMS: atom_id res chain seq x y z
N VAL A 7 -23.42 18.30 26.35
CA VAL A 7 -22.36 17.66 25.51
C VAL A 7 -21.67 16.53 26.31
N ASN A 8 -21.96 15.28 25.97
CA ASN A 8 -21.13 14.15 26.35
C ASN A 8 -19.68 14.59 26.14
N GLU A 9 -18.81 14.35 27.10
CA GLU A 9 -17.44 14.84 26.95
C GLU A 9 -16.67 14.12 25.83
N LEU A 10 -17.10 12.92 25.49
CA LEU A 10 -16.49 12.23 24.34
C LEU A 10 -16.75 12.90 23.01
N GLU A 11 -17.73 13.80 22.97
CA GLU A 11 -18.14 14.46 21.73
C GLU A 11 -17.58 15.88 21.65
N ARG A 12 -16.78 16.27 22.64
CA ARG A 12 -16.21 17.62 22.56
C ARG A 12 -15.17 17.74 21.46
N ILE A 13 -15.30 18.80 20.65
CA ILE A 13 -14.34 19.04 19.57
C ILE A 13 -13.36 20.14 20.01
N ASN A 14 -12.10 19.77 20.11
CA ASN A 14 -11.09 20.65 20.70
C ASN A 14 -10.96 22.00 19.96
N CYS A 15 -11.12 23.09 20.70
CA CYS A 15 -11.02 24.47 20.15
C CYS A 15 -9.60 25.09 20.31
N ILE A 16 -8.72 24.38 21.00
CA ILE A 16 -7.36 24.86 21.22
C ILE A 16 -6.43 23.71 20.88
N PRO A 17 -6.27 23.47 19.58
CA PRO A 17 -5.40 22.39 19.11
C PRO A 17 -3.92 22.75 19.14
N ASP A 18 -3.65 24.04 19.32
CA ASP A 18 -2.36 24.68 19.05
C ASP A 18 -1.52 25.02 20.26
N GLN A 19 -2.11 24.95 21.45
CA GLN A 19 -1.40 25.28 22.68
C GLN A 19 -2.04 24.67 23.91
N PRO A 20 -1.35 24.81 25.07
CA PRO A 20 -1.89 24.36 26.36
C PRO A 20 -3.19 25.15 26.64
N PRO A 21 -4.30 24.48 26.99
CA PRO A 21 -5.58 25.22 27.01
C PRO A 21 -5.68 26.17 28.18
N THR A 22 -6.19 27.37 27.90
CA THR A 22 -6.45 28.36 28.93
C THR A 22 -7.84 28.95 28.76
N LYS A 23 -8.44 29.36 29.87
CA LYS A 23 -9.76 30.00 29.82
C LYS A 23 -9.70 31.30 29.02
N ALA A 24 -8.61 32.04 29.12
CA ALA A 24 -8.52 33.32 28.41
C ALA A 24 -8.58 33.09 26.90
N THR A 25 -7.84 32.09 26.43
CA THR A 25 -7.84 31.80 25.00
C THR A 25 -9.21 31.27 24.61
N CYS A 26 -9.75 30.40 25.46
CA CYS A 26 -11.09 29.84 25.24
C CYS A 26 -12.14 30.94 25.06
N ASP A 27 -12.11 31.93 25.95
CA ASP A 27 -13.06 33.07 25.91
C ASP A 27 -12.84 33.89 24.67
N GLN A 28 -11.59 34.14 24.32
CA GLN A 28 -11.29 34.94 23.14
C GLN A 28 -11.78 34.25 21.87
N ARG A 29 -11.75 32.92 21.86
CA ARG A 29 -12.17 32.19 20.64
C ARG A 29 -13.67 31.90 20.63
N GLY A 30 -14.36 32.25 21.72
CA GLY A 30 -15.81 32.08 21.83
C GLY A 30 -16.18 30.61 22.01
N CYS A 31 -15.30 29.84 22.67
CA CYS A 31 -15.55 28.40 22.85
C CYS A 31 -16.03 28.16 24.25
N CYS A 32 -16.29 26.89 24.56
CA CYS A 32 -16.75 26.44 25.87
C CYS A 32 -15.61 25.91 26.73
N TRP A 33 -15.63 26.27 28.02
CA TRP A 33 -14.56 25.93 28.93
C TRP A 33 -15.11 25.01 30.00
N ASN A 34 -14.51 23.83 30.16
CA ASN A 34 -14.89 22.88 31.21
C ASN A 34 -13.70 21.99 31.47
N PRO A 35 -12.82 22.41 32.39
CA PRO A 35 -11.64 21.60 32.58
C PRO A 35 -11.88 20.33 33.41
N GLN A 36 -13.13 19.95 33.66
CA GLN A 36 -13.39 18.80 34.56
C GLN A 36 -13.44 17.37 33.95
N GLY A 37 -13.04 17.19 32.69
CA GLY A 37 -13.14 15.86 32.05
C GLY A 37 -12.07 14.82 32.43
N ALA A 38 -12.03 13.69 31.71
CA ALA A 38 -10.95 12.68 31.84
C ALA A 38 -9.67 13.11 31.09
N VAL A 39 -8.57 12.37 31.21
CA VAL A 39 -7.36 12.63 30.41
C VAL A 39 -7.67 12.79 28.92
N SER A 40 -7.04 13.79 28.30
CA SER A 40 -7.15 14.09 26.86
C SER A 40 -8.51 14.69 26.46
N VAL A 41 -9.50 14.68 27.33
CA VAL A 41 -10.78 15.32 27.01
C VAL A 41 -10.51 16.82 26.94
N PRO A 42 -10.88 17.44 25.81
CA PRO A 42 -10.52 18.85 25.62
C PRO A 42 -11.15 19.77 26.69
N TRP A 43 -10.34 20.65 27.29
CA TRP A 43 -10.89 21.57 28.28
C TRP A 43 -11.64 22.70 27.60
N CYS A 44 -11.20 23.03 26.39
CA CYS A 44 -11.84 24.08 25.60
C CYS A 44 -12.33 23.46 24.28
N TYR A 45 -13.62 23.61 24.02
CA TYR A 45 -14.25 22.90 22.91
C TYR A 45 -15.28 23.78 22.24
N TYR A 46 -15.54 23.53 20.95
CA TYR A 46 -16.46 24.37 20.19
C TYR A 46 -17.86 24.41 20.72
N SER A 47 -18.43 25.61 20.69
CA SER A 47 -19.83 25.76 21.05
C SER A 47 -20.69 25.37 19.87
N LYS A 48 -21.99 25.46 20.06
CA LYS A 48 -22.96 24.99 19.08
C LYS A 48 -23.13 25.85 17.83
N ASN A 49 -22.73 27.12 17.87
CA ASN A 49 -22.84 27.96 16.69
C ASN A 49 -21.59 28.79 16.37
N HIS A 50 -20.45 28.12 16.30
CA HIS A 50 -19.24 28.77 15.85
C HIS A 50 -19.25 29.16 14.35
N SER A 51 -19.93 28.36 13.51
CA SER A 51 -19.41 28.16 12.15
C SER A 51 -20.11 28.83 10.94
N TYR A 52 -20.73 28.03 10.08
CA TYR A 52 -21.32 28.53 8.84
C TYR A 52 -22.80 28.25 8.85
N HIS A 53 -23.55 29.02 8.06
CA HIS A 53 -24.95 28.69 7.86
C HIS A 53 -25.23 28.73 6.38
N VAL A 54 -26.22 27.95 5.97
CA VAL A 54 -26.63 27.99 4.60
C VAL A 54 -27.35 29.32 4.34
N GLU A 55 -27.00 29.97 3.23
CA GLU A 55 -27.64 31.19 2.85
C GLU A 55 -28.61 30.86 1.72
N GLY A 56 -29.90 31.09 1.98
CA GLY A 56 -30.91 30.87 0.96
C GLY A 56 -31.13 29.39 0.65
N ASN A 57 -31.49 29.07 -0.58
CA ASN A 57 -31.90 27.69 -0.89
C ASN A 57 -30.76 26.89 -1.52
N LEU A 58 -30.83 25.58 -1.38
CA LEU A 58 -29.99 24.70 -2.16
C LEU A 58 -30.51 24.70 -3.58
N VAL A 59 -29.61 24.48 -4.53
CA VAL A 59 -29.91 24.47 -5.95
C VAL A 59 -29.63 23.11 -6.55
N ASN A 60 -30.63 22.46 -7.12
CA ASN A 60 -30.34 21.27 -7.89
C ASN A 60 -29.50 21.52 -9.11
N THR A 61 -28.53 20.64 -9.32
CA THR A 61 -27.68 20.63 -10.50
C THR A 61 -27.87 19.26 -11.15
N ASN A 62 -27.41 19.10 -12.40
CA ASN A 62 -27.42 17.77 -13.03
C ASN A 62 -26.78 16.69 -12.15
N ALA A 63 -25.67 17.03 -11.50
CA ALA A 63 -24.88 16.04 -10.71
C ALA A 63 -25.38 15.84 -9.27
N GLY A 64 -26.08 16.84 -8.75
CA GLY A 64 -26.45 16.84 -7.35
C GLY A 64 -27.08 18.18 -6.94
N PHE A 65 -26.37 18.93 -6.11
CA PHE A 65 -26.85 20.23 -5.69
C PHE A 65 -25.68 21.10 -5.24
N THR A 66 -25.92 22.41 -5.17
CA THR A 66 -24.93 23.32 -4.57
C THR A 66 -25.63 24.10 -3.45
N ALA A 67 -24.84 24.63 -2.53
CA ALA A 67 -25.35 25.53 -1.50
C ALA A 67 -24.31 26.61 -1.26
N ARG A 68 -24.78 27.79 -0.92
N ARG A 68 -24.80 27.80 -0.93
CA ARG A 68 -23.88 28.88 -0.51
CA ARG A 68 -23.98 28.89 -0.45
C ARG A 68 -23.90 28.95 1.01
C ARG A 68 -23.92 28.83 1.06
N LEU A 69 -22.70 28.88 1.62
CA LEU A 69 -22.54 28.91 3.05
C LEU A 69 -21.94 30.24 3.42
N LYS A 70 -22.44 30.84 4.48
CA LYS A 70 -21.87 32.11 4.89
C LYS A 70 -21.34 32.00 6.30
N ASN A 71 -20.17 32.61 6.52
CA ASN A 71 -19.53 32.56 7.81
C ASN A 71 -20.33 33.34 8.83
N LEU A 72 -20.64 32.68 9.94
CA LEU A 72 -21.12 33.37 11.14
C LEU A 72 -19.96 34.13 11.81
N PRO A 73 -20.22 35.39 12.21
CA PRO A 73 -19.20 36.19 12.91
C PRO A 73 -18.39 35.34 13.91
N SER A 74 -17.07 35.32 13.76
CA SER A 74 -16.18 34.54 14.66
C SER A 74 -14.80 35.17 14.75
N SER A 75 -14.07 34.94 15.84
CA SER A 75 -12.76 35.58 16.00
C SER A 75 -11.65 34.83 15.28
N PRO A 76 -10.82 35.56 14.48
CA PRO A 76 -9.93 34.96 13.52
C PRO A 76 -8.69 34.38 14.19
N VAL A 77 -8.72 33.09 14.47
CA VAL A 77 -7.63 32.43 15.18
C VAL A 77 -6.38 32.15 14.33
N PHE A 78 -6.57 31.42 13.22
CA PHE A 78 -5.46 31.03 12.37
C PHE A 78 -5.56 31.78 11.07
N GLY A 79 -5.97 33.03 11.20
CA GLY A 79 -5.91 33.99 10.12
C GLY A 79 -7.11 34.07 9.21
N SER A 80 -6.79 34.31 7.93
CA SER A 80 -7.71 34.81 6.90
C SER A 80 -8.85 33.85 6.52
N ASN A 81 -9.96 34.05 7.21
CA ASN A 81 -11.17 33.27 7.11
C ASN A 81 -11.90 33.40 5.76
N VAL A 82 -12.72 32.42 5.42
CA VAL A 82 -13.43 32.44 4.12
C VAL A 82 -14.89 32.75 4.39
N ASP A 83 -15.29 33.97 4.03
CA ASP A 83 -16.64 34.44 4.36
C ASP A 83 -17.74 33.70 3.61
N ASN A 84 -17.51 33.40 2.34
CA ASN A 84 -18.50 32.76 1.46
C ASN A 84 -17.98 31.48 0.89
N VAL A 85 -18.57 30.38 1.37
CA VAL A 85 -18.13 29.04 1.00
C VAL A 85 -19.18 28.43 0.08
N LEU A 86 -18.73 27.69 -0.93
CA LEU A 86 -19.63 27.02 -1.85
C LEU A 86 -19.57 25.55 -1.52
N LEU A 87 -20.73 24.94 -1.31
CA LEU A 87 -20.79 23.48 -1.19
C LEU A 87 -21.28 22.97 -2.54
N THR A 88 -20.53 22.02 -3.12
CA THR A 88 -20.90 21.38 -4.37
C THR A 88 -20.98 19.89 -4.07
N ALA A 89 -22.12 19.27 -4.39
CA ALA A 89 -22.34 17.88 -3.99
C ALA A 89 -22.67 17.12 -5.26
N GLU A 90 -22.07 15.94 -5.44
CA GLU A 90 -22.29 15.16 -6.65
C GLU A 90 -22.62 13.73 -6.29
N TYR A 91 -23.76 13.26 -6.76
CA TYR A 91 -24.17 11.85 -6.59
C TYR A 91 -23.50 11.02 -7.68
N GLN A 92 -22.21 10.73 -7.53
CA GLN A 92 -21.43 10.25 -8.68
C GLN A 92 -21.77 8.84 -9.10
N THR A 93 -21.99 7.97 -8.13
CA THR A 93 -22.45 6.61 -8.40
C THR A 93 -23.36 6.16 -7.30
N SER A 94 -23.97 4.97 -7.44
CA SER A 94 -24.86 4.47 -6.40
C SER A 94 -24.15 4.27 -5.08
N ASN A 95 -22.83 4.10 -5.14
CA ASN A 95 -22.02 3.85 -3.96
C ASN A 95 -20.96 4.90 -3.62
N ARG A 96 -20.92 6.00 -4.35
CA ARG A 96 -19.87 7.01 -4.13
C ARG A 96 -20.52 8.38 -4.17
N PHE A 97 -20.32 9.10 -3.09
CA PHE A 97 -20.77 10.45 -2.96
C PHE A 97 -19.56 11.38 -2.95
N HIS A 98 -19.65 12.54 -3.62
CA HIS A 98 -18.54 13.45 -3.60
C HIS A 98 -19.09 14.80 -3.12
N PHE A 99 -18.42 15.46 -2.19
CA PHE A 99 -18.78 16.87 -1.91
C PHE A 99 -17.52 17.64 -1.68
N LYS A 100 -17.55 18.90 -2.10
CA LYS A 100 -16.41 19.76 -1.87
C LYS A 100 -16.86 21.11 -1.38
N LEU A 101 -16.00 21.71 -0.56
CA LEU A 101 -16.27 23.04 -0.02
C LEU A 101 -15.14 23.90 -0.55
N THR A 102 -15.53 24.96 -1.23
CA THR A 102 -14.56 25.81 -1.92
C THR A 102 -14.86 27.24 -1.48
N ASP A 103 -13.98 28.18 -1.85
CA ASP A 103 -14.22 29.61 -1.62
C ASP A 103 -15.10 30.07 -2.76
N GLN A 104 -16.29 30.56 -2.47
CA GLN A 104 -17.20 30.91 -3.53
C GLN A 104 -16.61 31.96 -4.47
N THR A 105 -15.74 32.81 -3.92
CA THR A 105 -15.19 33.98 -4.62
C THR A 105 -13.75 33.86 -5.14
N ASN A 106 -13.00 32.84 -4.74
CA ASN A 106 -11.62 32.68 -5.18
C ASN A 106 -11.26 31.24 -5.51
N ASN A 107 -10.50 31.05 -6.57
CA ASN A 107 -9.90 29.78 -6.87
C ASN A 107 -8.86 29.44 -5.81
N ARG A 108 -8.85 28.20 -5.36
CA ARG A 108 -7.85 27.75 -4.38
C ARG A 108 -7.15 26.53 -4.93
N PHE A 109 -6.02 26.18 -4.32
CA PHE A 109 -5.30 25.03 -4.78
C PHE A 109 -6.15 23.74 -4.67
N GLU A 110 -6.24 23.03 -5.79
CA GLU A 110 -6.89 21.70 -5.84
C GLU A 110 -5.88 20.69 -6.35
N VAL A 111 -5.88 19.48 -5.78
CA VAL A 111 -4.86 18.49 -6.15
C VAL A 111 -5.01 18.12 -7.62
N PRO A 112 -3.93 18.25 -8.43
CA PRO A 112 -4.07 17.89 -9.85
C PRO A 112 -3.81 16.39 -10.06
N HIS A 113 -4.68 15.57 -9.49
CA HIS A 113 -4.52 14.13 -9.54
C HIS A 113 -4.53 13.60 -10.97
N GLU A 114 -3.66 12.64 -11.26
CA GLU A 114 -3.49 12.10 -12.61
C GLU A 114 -4.68 11.21 -12.96
N HIS A 115 -5.29 10.55 -11.98
CA HIS A 115 -6.31 9.56 -12.32
C HIS A 115 -7.73 10.08 -12.18
N VAL A 116 -8.04 10.72 -11.04
CA VAL A 116 -9.36 11.23 -10.78
C VAL A 116 -9.68 12.36 -11.77
N GLN A 117 -10.87 12.31 -12.37
CA GLN A 117 -11.32 13.38 -13.27
C GLN A 117 -12.49 14.13 -12.68
N SER A 118 -12.73 15.34 -13.19
CA SER A 118 -13.95 16.03 -12.79
C SER A 118 -15.16 15.30 -13.38
N PHE A 119 -16.27 15.41 -12.67
CA PHE A 119 -17.50 14.70 -12.98
C PHE A 119 -18.33 15.60 -13.88
N SER A 120 -18.87 15.03 -14.94
CA SER A 120 -19.84 15.77 -15.74
C SER A 120 -20.97 14.82 -16.07
N GLY A 121 -21.33 13.98 -15.11
CA GLY A 121 -22.52 13.19 -15.24
C GLY A 121 -23.78 13.81 -14.65
N ASN A 122 -24.83 13.03 -14.75
CA ASN A 122 -26.03 13.26 -14.01
C ASN A 122 -25.94 12.43 -12.77
N ALA A 123 -26.65 12.87 -11.75
CA ALA A 123 -26.76 12.17 -10.50
C ALA A 123 -27.10 10.71 -10.78
N ALA A 124 -26.46 9.81 -10.05
CA ALA A 124 -26.69 8.37 -10.23
C ALA A 124 -28.07 7.98 -9.75
N ALA A 125 -28.61 6.92 -10.38
CA ALA A 125 -29.85 6.28 -9.93
C ALA A 125 -29.57 5.23 -8.85
N SER A 126 -30.61 4.83 -8.15
CA SER A 126 -30.56 3.74 -7.16
C SER A 126 -29.46 3.93 -6.13
N LEU A 127 -29.43 5.10 -5.51
CA LEU A 127 -28.39 5.42 -4.53
C LEU A 127 -28.49 4.52 -3.33
N THR A 128 -27.33 4.06 -2.82
CA THR A 128 -27.34 3.29 -1.59
C THR A 128 -27.31 4.19 -0.36
N TYR A 129 -27.16 5.50 -0.60
CA TYR A 129 -27.02 6.48 0.48
C TYR A 129 -28.02 7.65 0.29
N GLN A 130 -28.19 8.46 1.34
CA GLN A 130 -29.00 9.65 1.30
C GLN A 130 -28.16 10.74 1.95
N VAL A 131 -28.30 11.95 1.44
CA VAL A 131 -27.55 13.10 1.98
C VAL A 131 -28.55 14.07 2.60
N GLU A 132 -28.26 14.54 3.82
CA GLU A 132 -29.15 15.46 4.51
C GLU A 132 -28.30 16.70 4.81
N ILE A 133 -28.82 17.90 4.52
CA ILE A 133 -28.08 19.17 4.81
C ILE A 133 -28.88 19.97 5.80
N SER A 134 -28.24 20.39 6.89
CA SER A 134 -28.86 21.26 7.85
C SER A 134 -28.29 22.63 7.61
N ARG A 135 -29.08 23.68 7.81
CA ARG A 135 -28.62 24.98 7.37
C ARG A 135 -28.21 25.93 8.48
N GLN A 136 -28.76 25.75 9.67
CA GLN A 136 -28.58 26.78 10.71
C GLN A 136 -28.27 26.11 12.03
N PRO A 137 -27.00 25.72 12.28
CA PRO A 137 -25.86 25.89 11.39
C PRO A 137 -25.66 24.76 10.41
N PHE A 138 -24.71 24.99 9.52
CA PHE A 138 -24.47 24.03 8.47
C PHE A 138 -23.98 22.71 9.00
N SER A 139 -24.58 21.64 8.50
CA SER A 139 -23.93 20.34 8.63
C SER A 139 -24.37 19.45 7.48
N ILE A 140 -23.56 18.44 7.19
CA ILE A 140 -23.84 17.49 6.15
C ILE A 140 -23.79 16.09 6.74
N LYS A 141 -24.77 15.30 6.34
CA LYS A 141 -24.90 13.94 6.89
C LYS A 141 -25.10 13.01 5.71
N VAL A 142 -24.49 11.83 5.77
CA VAL A 142 -24.68 10.86 4.72
C VAL A 142 -25.11 9.61 5.49
N THR A 143 -26.27 9.07 5.13
CA THR A 143 -26.83 7.90 5.80
C THR A 143 -26.93 6.76 4.77
N ARG A 144 -26.88 5.55 5.28
CA ARG A 144 -27.10 4.36 4.49
C ARG A 144 -28.62 4.22 4.37
N ARG A 145 -29.10 4.10 3.15
N ARG A 145 -29.12 4.12 3.16
CA ARG A 145 -30.54 4.11 2.82
CA ARG A 145 -30.56 4.13 2.90
C ARG A 145 -31.29 2.91 3.41
C ARG A 145 -31.24 2.91 3.53
N SER A 146 -30.64 1.73 3.32
CA SER A 146 -31.23 0.46 3.80
C SER A 146 -31.60 0.43 5.29
N ASN A 147 -30.77 1.02 6.14
CA ASN A 147 -31.00 0.93 7.58
C ASN A 147 -30.94 2.28 8.29
N ASN A 148 -30.86 3.34 7.49
CA ASN A 148 -30.72 4.72 7.98
C ASN A 148 -29.53 4.93 8.91
N ARG A 149 -28.51 4.07 8.80
CA ARG A 149 -27.31 4.24 9.65
C ARG A 149 -26.63 5.54 9.25
N VAL A 150 -26.36 6.38 10.23
CA VAL A 150 -25.61 7.62 9.92
C VAL A 150 -24.14 7.25 9.78
N LEU A 151 -23.59 7.55 8.61
CA LEU A 151 -22.23 7.20 8.32
C LEU A 151 -21.31 8.42 8.49
N PHE A 152 -21.62 9.48 7.74
CA PHE A 152 -20.88 10.75 7.80
C PHE A 152 -21.84 11.75 8.45
N ASP A 153 -21.38 12.49 9.46
CA ASP A 153 -22.26 13.50 10.03
C ASP A 153 -21.36 14.57 10.61
N SER A 154 -21.26 15.68 9.91
CA SER A 154 -20.36 16.73 10.37
C SER A 154 -20.92 17.54 11.58
N SER A 155 -22.17 17.31 11.98
CA SER A 155 -22.81 18.17 12.96
C SER A 155 -22.16 18.14 14.36
N ILE A 156 -21.27 17.17 14.59
CA ILE A 156 -20.54 17.12 15.87
C ILE A 156 -19.65 18.36 16.07
N GLY A 157 -19.20 18.96 14.98
CA GLY A 157 -18.25 20.08 15.09
C GLY A 157 -18.57 21.14 14.04
N PRO A 158 -17.85 22.25 14.12
CA PRO A 158 -18.01 23.31 13.13
C PRO A 158 -17.37 22.95 11.81
N LEU A 159 -17.66 23.76 10.80
CA LEU A 159 -16.82 23.83 9.64
C LEU A 159 -15.93 25.05 9.87
N LEU A 160 -14.61 24.87 9.74
CA LEU A 160 -13.64 26.00 9.80
C LEU A 160 -12.98 26.10 8.44
N PHE A 161 -12.85 27.31 7.91
CA PHE A 161 -12.37 27.46 6.57
C PHE A 161 -11.66 28.82 6.49
N ALA A 162 -10.40 28.84 6.88
CA ALA A 162 -9.54 30.01 6.72
C ALA A 162 -8.52 29.62 5.66
N ASP A 163 -7.79 30.59 5.12
CA ASP A 163 -6.91 30.29 4.03
C ASP A 163 -5.91 29.18 4.40
N GLN A 164 -5.46 29.18 5.67
CA GLN A 164 -4.43 28.20 6.05
C GLN A 164 -4.88 27.35 7.19
N PHE A 165 -6.21 27.22 7.34
CA PHE A 165 -6.72 26.33 8.38
C PHE A 165 -8.14 25.87 8.02
N LEU A 166 -8.24 24.60 7.62
CA LEU A 166 -9.55 24.05 7.21
C LEU A 166 -9.83 22.82 8.10
N GLN A 167 -11.04 22.72 8.61
CA GLN A 167 -11.38 21.59 9.48
C GLN A 167 -12.83 21.16 9.30
N LEU A 168 -13.06 19.85 9.26
CA LEU A 168 -14.42 19.35 9.31
C LEU A 168 -14.28 18.04 10.09
N SER A 169 -15.31 17.74 10.87
CA SER A 169 -15.39 16.53 11.64
C SER A 169 -16.50 15.63 11.12
N THR A 170 -16.45 14.35 11.48
CA THR A 170 -17.60 13.51 11.29
C THR A 170 -17.73 12.52 12.46
N ARG A 171 -18.94 12.35 12.95
CA ARG A 171 -19.27 11.17 13.77
C ARG A 171 -19.01 9.88 12.97
N LEU A 172 -18.81 8.79 13.70
CA LEU A 172 -18.59 7.48 13.10
C LEU A 172 -19.54 6.51 13.74
N PRO A 173 -20.01 5.53 12.97
CA PRO A 173 -20.99 4.61 13.52
C PRO A 173 -20.41 3.47 14.33
N SER A 174 -19.09 3.34 14.33
CA SER A 174 -18.41 2.32 15.09
C SER A 174 -16.96 2.68 15.31
N THR A 175 -16.31 1.90 16.16
CA THR A 175 -14.90 2.04 16.39
C THR A 175 -14.06 1.06 15.60
N ASN A 176 -14.64 0.40 14.60
CA ASN A 176 -13.85 -0.49 13.76
C ASN A 176 -13.36 0.36 12.60
N VAL A 177 -12.26 1.05 12.82
CA VAL A 177 -11.76 2.08 11.89
C VAL A 177 -10.33 1.68 11.49
N TYR A 178 -10.03 1.66 10.18
CA TYR A 178 -8.76 1.13 9.66
C TYR A 178 -8.26 2.11 8.61
N GLY A 179 -6.97 2.40 8.59
CA GLY A 179 -6.43 3.22 7.51
C GLY A 179 -5.68 4.39 8.05
N LEU A 180 -5.57 5.44 7.22
CA LEU A 180 -4.72 6.61 7.39
C LEU A 180 -3.24 6.27 7.27
N GLY A 181 -2.43 7.21 6.82
CA GLY A 181 -1.01 6.87 6.71
C GLY A 181 -0.28 8.09 6.17
N GLU A 182 1.03 8.01 6.06
CA GLU A 182 1.81 6.82 6.42
C GLU A 182 2.30 6.90 7.86
N HIS A 183 1.95 5.89 8.68
CA HIS A 183 2.39 5.88 10.07
C HIS A 183 2.71 4.47 10.51
N VAL A 184 3.33 4.37 11.67
CA VAL A 184 3.37 3.12 12.41
C VAL A 184 2.26 3.17 13.47
N HIS A 185 1.11 2.52 13.20
CA HIS A 185 -0.01 2.61 14.15
C HIS A 185 0.12 1.58 15.26
N GLN A 186 0.98 0.58 15.02
CA GLN A 186 1.25 -0.52 15.96
C GLN A 186 0.11 -1.52 16.00
N GLN A 187 -1.12 -1.02 16.14
CA GLN A 187 -2.34 -1.83 16.01
C GLN A 187 -2.94 -1.57 14.63
N TYR A 188 -3.82 -2.46 14.14
CA TYR A 188 -4.47 -2.26 12.87
C TYR A 188 -5.80 -1.52 13.09
N ARG A 189 -6.61 -1.96 14.04
CA ARG A 189 -7.85 -1.21 14.32
C ARG A 189 -7.50 0.03 15.16
N HIS A 190 -7.99 1.17 14.74
CA HIS A 190 -7.85 2.40 15.54
C HIS A 190 -8.92 2.29 16.65
N ASP A 191 -8.48 2.31 17.89
CA ASP A 191 -9.33 2.11 19.11
C ASP A 191 -10.25 3.30 19.33
N MET A 192 -9.84 4.47 18.77
CA MET A 192 -10.60 5.74 18.82
C MET A 192 -10.41 6.52 20.11
N ASN A 193 -9.46 6.08 20.93
CA ASN A 193 -9.05 6.91 22.02
C ASN A 193 -8.45 8.16 21.36
N TRP A 194 -8.55 9.27 22.07
CA TRP A 194 -8.02 10.58 21.69
C TRP A 194 -6.62 10.44 21.10
N LYS A 195 -6.48 10.60 19.78
CA LYS A 195 -5.18 10.38 19.14
C LYS A 195 -5.14 11.27 17.93
N THR A 196 -4.03 11.95 17.73
CA THR A 196 -3.85 12.80 16.56
C THR A 196 -2.73 12.23 15.68
N TRP A 197 -3.00 12.06 14.38
CA TRP A 197 -2.05 11.48 13.44
C TRP A 197 -1.71 12.54 12.40
N PRO A 198 -0.47 13.04 12.44
CA PRO A 198 -0.11 14.04 11.43
C PRO A 198 0.28 13.36 10.09
N ILE A 199 0.03 14.06 8.97
CA ILE A 199 0.30 13.50 7.66
C ILE A 199 1.05 14.58 6.88
N PHE A 200 2.30 14.30 6.56
CA PHE A 200 3.16 15.24 5.82
C PHE A 200 4.40 14.43 5.49
N ASN A 201 4.61 14.18 4.21
CA ASN A 201 5.66 13.27 3.74
C ASN A 201 7.00 13.65 4.27
N ARG A 202 7.61 12.72 4.98
CA ARG A 202 8.80 13.00 5.73
C ARG A 202 9.72 11.77 5.78
N ASP A 203 11.01 12.00 5.53
CA ASP A 203 12.04 11.01 5.78
C ASP A 203 12.25 10.88 7.30
N THR A 204 11.68 9.86 7.90
CA THR A 204 11.91 9.64 9.30
C THR A 204 11.71 8.18 9.66
N THR A 205 12.27 7.77 10.79
CA THR A 205 12.26 6.35 11.13
C THR A 205 10.86 5.91 11.49
N PRO A 206 10.38 4.80 10.88
CA PRO A 206 9.12 4.23 11.35
C PRO A 206 9.35 3.59 12.68
N ASN A 207 9.08 4.30 13.75
CA ASN A 207 9.33 3.75 15.09
C ASN A 207 8.09 3.91 15.94
N GLY A 208 8.24 3.77 17.25
CA GLY A 208 7.08 3.76 18.12
C GLY A 208 6.53 5.13 18.45
N ASN A 209 7.06 6.19 17.83
CA ASN A 209 6.64 7.55 18.15
C ASN A 209 5.40 8.07 17.42
N GLY A 210 4.91 7.33 16.43
CA GLY A 210 3.67 7.74 15.75
C GLY A 210 3.79 9.03 14.96
N THR A 211 4.97 9.30 14.43
CA THR A 211 5.15 10.48 13.59
C THR A 211 4.57 10.30 12.18
N ASN A 212 4.49 11.41 11.48
CA ASN A 212 4.29 11.37 10.04
C ASN A 212 5.48 10.69 9.39
N LEU A 213 5.23 9.87 8.36
CA LEU A 213 6.29 9.14 7.70
C LEU A 213 6.30 9.53 6.23
N TYR A 214 6.66 8.59 5.37
CA TYR A 214 7.05 8.90 3.98
C TYR A 214 5.93 9.30 3.02
N GLY A 215 4.73 8.81 3.27
CA GLY A 215 3.60 9.00 2.36
C GLY A 215 2.40 9.64 3.01
N ALA A 216 1.41 9.99 2.21
CA ALA A 216 0.24 10.69 2.68
C ALA A 216 -0.99 9.97 2.16
N GLN A 217 -1.76 9.40 3.10
CA GLN A 217 -2.92 8.56 2.77
C GLN A 217 -4.08 8.91 3.70
N THR A 218 -5.10 9.58 3.18
CA THR A 218 -6.18 10.11 4.02
C THR A 218 -7.37 9.16 4.08
N PHE A 219 -7.29 8.06 3.33
CA PHE A 219 -8.36 7.07 3.28
C PHE A 219 -8.51 6.29 4.59
N PHE A 220 -9.75 6.16 5.06
CA PHE A 220 -10.05 5.13 6.08
C PHE A 220 -11.31 4.38 5.72
N LEU A 221 -11.39 3.19 6.30
CA LEU A 221 -12.49 2.27 6.13
C LEU A 221 -13.08 2.03 7.53
N CYS A 222 -14.42 1.98 7.60
CA CYS A 222 -15.13 1.71 8.85
C CYS A 222 -16.05 0.53 8.62
N LEU A 223 -15.87 -0.51 9.44
CA LEU A 223 -16.79 -1.65 9.42
C LEU A 223 -17.92 -1.29 10.41
N GLU A 224 -19.12 -1.14 9.89
CA GLU A 224 -20.24 -0.59 10.67
C GLU A 224 -20.73 -1.58 11.69
N ASP A 225 -20.84 -2.85 11.30
CA ASP A 225 -21.32 -3.90 12.23
C ASP A 225 -21.00 -5.27 11.68
N ALA A 226 -21.37 -6.31 12.43
CA ALA A 226 -21.11 -7.70 12.01
C ALA A 226 -21.78 -8.16 10.71
N SER A 227 -22.74 -7.41 10.14
CA SER A 227 -23.32 -7.81 8.85
C SER A 227 -22.34 -7.61 7.71
N GLY A 228 -21.30 -6.80 7.96
CA GLY A 228 -20.26 -6.57 6.96
C GLY A 228 -20.38 -5.19 6.36
N LEU A 229 -21.55 -4.56 6.49
CA LEU A 229 -21.78 -3.24 5.95
C LEU A 229 -20.65 -2.30 6.39
N SER A 230 -20.09 -1.57 5.42
CA SER A 230 -18.88 -0.80 5.69
C SER A 230 -18.93 0.42 4.81
N PHE A 231 -18.18 1.46 5.20
CA PHE A 231 -18.02 2.62 4.28
C PHE A 231 -16.61 3.14 4.41
N GLY A 232 -16.24 4.07 3.52
CA GLY A 232 -14.92 4.66 3.63
C GLY A 232 -15.03 6.15 3.31
N VAL A 233 -13.97 6.88 3.64
CA VAL A 233 -13.92 8.34 3.40
C VAL A 233 -12.53 8.63 2.87
N PHE A 234 -12.47 9.48 1.84
CA PHE A 234 -11.20 9.89 1.33
C PHE A 234 -11.23 11.42 1.22
N LEU A 235 -10.17 12.06 1.72
CA LEU A 235 -10.00 13.50 1.59
C LEU A 235 -8.92 13.81 0.51
N MET A 236 -9.33 14.44 -0.60
CA MET A 236 -8.43 14.77 -1.72
C MET A 236 -7.80 16.13 -1.38
N ASN A 237 -6.71 16.08 -0.63
CA ASN A 237 -6.03 17.30 -0.17
C ASN A 237 -4.59 16.88 0.08
N SER A 238 -3.65 17.66 -0.46
CA SER A 238 -2.23 17.35 -0.33
C SER A 238 -1.43 18.28 0.61
N ASN A 239 -2.13 19.16 1.33
CA ASN A 239 -1.47 20.05 2.30
C ASN A 239 -1.13 19.28 3.57
N ALA A 240 -0.21 19.81 4.38
CA ALA A 240 0.05 19.20 5.72
C ALA A 240 -1.26 19.17 6.48
N MET A 241 -1.52 18.06 7.19
CA MET A 241 -2.74 17.98 7.90
C MET A 241 -2.53 17.05 9.08
N GLU A 242 -3.54 17.00 9.92
CA GLU A 242 -3.61 15.90 10.91
C GLU A 242 -5.01 15.42 11.06
N VAL A 243 -5.13 14.19 11.54
CA VAL A 243 -6.43 13.60 11.67
C VAL A 243 -6.56 13.29 13.16
N VAL A 244 -7.68 13.72 13.75
CA VAL A 244 -7.90 13.62 15.19
C VAL A 244 -8.98 12.59 15.43
N LEU A 245 -8.67 11.57 16.19
CA LEU A 245 -9.61 10.50 16.44
C LEU A 245 -10.05 10.66 17.88
N GLN A 246 -11.33 10.45 18.15
CA GLN A 246 -11.80 10.54 19.54
C GLN A 246 -12.93 9.56 19.78
N PRO A 247 -13.21 9.23 21.05
CA PRO A 247 -14.10 8.12 21.35
C PRO A 247 -15.60 8.36 21.22
N ALA A 248 -16.03 9.51 20.73
CA ALA A 248 -17.47 9.73 20.43
C ALA A 248 -18.25 8.50 19.83
N PRO A 249 -17.70 7.81 18.80
CA PRO A 249 -16.45 8.00 18.03
C PRO A 249 -16.58 9.04 16.92
N ALA A 250 -15.47 9.70 16.63
CA ALA A 250 -15.48 10.75 15.60
C ALA A 250 -14.08 10.95 15.07
N ILE A 251 -13.99 11.53 13.87
N ILE A 251 -14.01 11.46 13.84
CA ILE A 251 -12.69 11.80 13.25
CA ILE A 251 -12.74 11.84 13.24
C ILE A 251 -12.74 13.21 12.68
C ILE A 251 -12.84 13.30 12.89
N THR A 252 -11.71 13.99 12.96
CA THR A 252 -11.64 15.35 12.49
C THR A 252 -10.43 15.44 11.52
N TYR A 253 -10.63 16.09 10.39
CA TYR A 253 -9.56 16.36 9.45
C TYR A 253 -9.21 17.85 9.63
N ARG A 254 -7.92 18.15 9.75
CA ARG A 254 -7.51 19.54 9.96
C ARG A 254 -6.36 19.76 9.02
N THR A 255 -6.53 20.58 7.99
CA THR A 255 -5.50 20.75 6.99
C THR A 255 -5.14 22.24 6.91
N ILE A 256 -3.96 22.54 6.40
CA ILE A 256 -3.54 23.92 6.39
C ILE A 256 -3.53 24.56 5.01
N GLY A 257 -4.23 23.95 4.06
CA GLY A 257 -4.43 24.64 2.80
C GLY A 257 -5.40 23.92 1.91
N GLY A 258 -5.46 24.38 0.68
CA GLY A 258 -6.31 23.77 -0.33
C GLY A 258 -7.80 23.88 -0.04
N ILE A 259 -8.51 22.79 -0.34
CA ILE A 259 -9.96 22.79 -0.14
C ILE A 259 -10.35 21.46 0.52
N LEU A 260 -11.59 21.40 0.99
CA LEU A 260 -12.07 20.15 1.63
C LEU A 260 -12.81 19.41 0.53
N ASP A 261 -12.20 18.40 -0.05
CA ASP A 261 -12.80 17.74 -1.17
C ASP A 261 -12.95 16.28 -0.72
N PHE A 262 -14.19 15.83 -0.43
CA PHE A 262 -14.43 14.56 0.24
C PHE A 262 -15.15 13.58 -0.64
N TYR A 263 -14.79 12.31 -0.52
CA TYR A 263 -15.57 11.24 -1.16
C TYR A 263 -15.99 10.30 -0.06
N VAL A 264 -17.21 9.78 -0.16
CA VAL A 264 -17.67 8.80 0.82
C VAL A 264 -18.11 7.59 -0.01
N PHE A 265 -17.77 6.38 0.45
CA PHE A 265 -17.97 5.16 -0.36
C PHE A 265 -18.75 4.23 0.52
N LEU A 266 -19.74 3.54 -0.03
CA LEU A 266 -20.46 2.52 0.77
C LEU A 266 -20.26 1.16 0.13
N GLY A 267 -20.17 0.11 0.93
CA GLY A 267 -20.13 -1.22 0.36
C GLY A 267 -20.84 -2.17 1.29
N ASN A 268 -21.13 -3.34 0.77
CA ASN A 268 -21.76 -4.35 1.60
C ASN A 268 -20.79 -5.13 2.45
N THR A 269 -19.51 -5.00 2.13
CA THR A 269 -18.41 -5.67 2.82
C THR A 269 -17.20 -4.73 2.85
N PRO A 270 -16.22 -5.00 3.75
CA PRO A 270 -14.97 -4.20 3.72
C PRO A 270 -14.29 -4.21 2.33
N GLU A 271 -14.28 -5.37 1.69
CA GLU A 271 -13.64 -5.47 0.40
C GLU A 271 -14.34 -4.59 -0.64
N GLN A 272 -15.67 -4.54 -0.60
CA GLN A 272 -16.35 -3.66 -1.56
C GLN A 272 -16.02 -2.18 -1.36
N VAL A 273 -15.78 -1.80 -0.13
CA VAL A 273 -15.36 -0.41 0.16
C VAL A 273 -13.99 -0.15 -0.49
N VAL A 274 -13.04 -1.08 -0.30
CA VAL A 274 -11.73 -0.88 -0.94
C VAL A 274 -11.90 -0.80 -2.46
N GLN A 275 -12.73 -1.69 -3.02
CA GLN A 275 -13.00 -1.65 -4.45
C GLN A 275 -13.55 -0.29 -4.89
N GLU A 276 -14.48 0.28 -4.14
CA GLU A 276 -15.08 1.58 -4.52
C GLU A 276 -14.03 2.68 -4.43
N TYR A 277 -13.20 2.62 -3.39
CA TYR A 277 -12.10 3.62 -3.22
C TYR A 277 -11.14 3.54 -4.40
N LEU A 278 -10.73 2.32 -4.77
CA LEU A 278 -9.75 2.15 -5.87
C LEU A 278 -10.32 2.45 -7.26
N GLU A 279 -11.62 2.20 -7.42
CA GLU A 279 -12.29 2.61 -8.66
C GLU A 279 -12.15 4.11 -8.86
N LEU A 280 -12.19 4.84 -7.77
CA LEU A 280 -11.97 6.30 -7.84
C LEU A 280 -10.51 6.66 -8.09
N ILE A 281 -9.62 6.21 -7.19
CA ILE A 281 -8.25 6.76 -7.17
CA ILE A 281 -8.24 6.72 -7.12
C ILE A 281 -7.32 6.05 -8.14
N GLY A 282 -7.73 4.86 -8.61
CA GLY A 282 -6.87 4.11 -9.53
C GLY A 282 -6.50 2.78 -8.90
N ARG A 283 -6.79 1.68 -9.62
CA ARG A 283 -6.42 0.37 -9.09
C ARG A 283 -4.95 0.11 -9.29
N PRO A 284 -4.39 -0.76 -8.48
CA PRO A 284 -2.95 -1.01 -8.58
C PRO A 284 -2.51 -1.64 -9.88
N ALA A 285 -1.29 -1.33 -10.26
CA ALA A 285 -0.66 -1.98 -11.42
C ALA A 285 -0.58 -3.48 -11.19
N LEU A 286 -0.76 -4.25 -12.25
CA LEU A 286 -0.38 -5.67 -12.23
C LEU A 286 1.15 -5.75 -12.27
N PRO A 287 1.75 -6.40 -11.27
CA PRO A 287 3.22 -6.48 -11.25
C PRO A 287 3.72 -7.44 -12.30
N SER A 288 4.99 -7.28 -12.67
CA SER A 288 5.73 -8.34 -13.38
C SER A 288 5.71 -9.53 -12.45
N TYR A 289 5.53 -10.70 -13.04
CA TYR A 289 5.49 -11.90 -12.21
C TYR A 289 6.81 -12.05 -11.43
N TRP A 290 7.94 -11.63 -12.00
CA TRP A 290 9.20 -11.79 -11.30
C TRP A 290 9.35 -10.93 -10.03
N ALA A 291 8.62 -9.81 -9.99
CA ALA A 291 8.61 -8.93 -8.79
C ALA A 291 7.96 -9.63 -7.61
N LEU A 292 7.19 -10.70 -7.87
CA LEU A 292 6.61 -11.49 -6.77
C LEU A 292 7.62 -12.40 -6.09
N GLY A 293 8.77 -12.58 -6.70
CA GLY A 293 9.82 -13.41 -6.14
C GLY A 293 10.53 -12.73 -4.97
N PHE A 294 11.56 -13.38 -4.48
CA PHE A 294 12.31 -12.84 -3.34
C PHE A 294 13.35 -11.84 -3.86
N HIS A 295 13.48 -10.73 -3.15
CA HIS A 295 14.42 -9.66 -3.51
C HIS A 295 15.49 -9.57 -2.41
N LEU A 296 16.74 -9.34 -2.82
CA LEU A 296 17.81 -9.22 -1.84
C LEU A 296 18.57 -7.91 -2.09
N SER A 297 19.04 -7.31 -1.01
CA SER A 297 19.53 -5.94 -1.08
C SER A 297 20.37 -5.58 0.14
N ARG A 298 21.28 -4.63 -0.01
CA ARG A 298 21.79 -3.93 1.18
C ARG A 298 22.33 -2.61 0.78
N TYR A 299 22.40 -1.74 1.77
CA TYR A 299 23.06 -0.45 1.61
C TYR A 299 24.54 -0.76 1.89
N GLU A 300 25.38 -0.51 0.89
CA GLU A 300 26.83 -0.63 1.01
C GLU A 300 27.33 -2.05 1.10
N TYR A 301 27.16 -2.78 0.00
CA TYR A 301 28.10 -3.88 -0.28
C TYR A 301 29.52 -3.32 -0.39
N GLY A 302 29.63 -2.13 -0.96
CA GLY A 302 30.90 -1.38 -0.99
C GLY A 302 31.57 -1.56 -2.35
N THR A 303 31.59 -2.81 -2.80
CA THR A 303 32.20 -3.21 -4.06
C THR A 303 31.35 -4.23 -4.78
N LEU A 304 31.44 -4.23 -6.11
CA LEU A 304 30.85 -5.30 -6.88
C LEU A 304 31.32 -6.69 -6.43
N ASP A 305 32.59 -6.83 -6.06
CA ASP A 305 33.07 -8.16 -5.59
C ASP A 305 32.32 -8.64 -4.36
N ASN A 306 32.05 -7.70 -3.47
CA ASN A 306 31.27 -7.99 -2.27
C ASN A 306 29.84 -8.35 -2.62
N MET A 307 29.25 -7.61 -3.55
CA MET A 307 27.87 -7.89 -3.94
C MET A 307 27.82 -9.28 -4.55
N ARG A 308 28.76 -9.56 -5.45
CA ARG A 308 28.86 -10.87 -6.11
C ARG A 308 29.01 -12.00 -5.13
N GLU A 309 29.78 -11.81 -4.08
CA GLU A 309 30.00 -12.84 -3.07
C GLU A 309 28.68 -13.20 -2.40
N VAL A 310 27.90 -12.17 -2.08
CA VAL A 310 26.58 -12.37 -1.49
C VAL A 310 25.62 -13.07 -2.44
N VAL A 311 25.55 -12.60 -3.69
CA VAL A 311 24.72 -13.22 -4.68
C VAL A 311 25.08 -14.72 -4.76
N GLU A 312 26.39 -15.00 -4.83
CA GLU A 312 26.83 -16.36 -5.08
C GLU A 312 26.53 -17.31 -3.92
N ARG A 313 26.68 -16.85 -2.68
CA ARG A 313 26.42 -17.78 -1.56
C ARG A 313 24.92 -18.08 -1.43
N ASN A 314 24.08 -17.08 -1.74
CA ASN A 314 22.64 -17.36 -1.75
C ASN A 314 22.20 -18.23 -2.91
N ARG A 315 22.77 -18.03 -4.10
CA ARG A 315 22.51 -18.97 -5.20
C ARG A 315 23.04 -20.38 -4.90
N ALA A 316 24.22 -20.47 -4.29
CA ALA A 316 24.82 -21.78 -3.94
C ALA A 316 23.87 -22.52 -3.02
N ALA A 317 23.19 -21.77 -2.15
CA ALA A 317 22.24 -22.36 -1.19
C ALA A 317 20.87 -22.76 -1.79
N GLN A 318 20.65 -22.51 -3.09
CA GLN A 318 19.39 -22.80 -3.78
C GLN A 318 18.20 -22.02 -3.17
N LEU A 319 18.49 -20.77 -2.79
CA LEU A 319 17.46 -19.90 -2.22
C LEU A 319 16.58 -19.41 -3.36
N PRO A 320 15.24 -19.50 -3.21
CA PRO A 320 14.43 -18.81 -4.19
C PRO A 320 14.77 -17.31 -4.14
N TYR A 321 15.08 -16.74 -5.30
CA TYR A 321 15.83 -15.47 -5.27
C TYR A 321 15.82 -14.89 -6.67
N ASP A 322 14.87 -13.99 -6.91
CA ASP A 322 14.69 -13.47 -8.25
C ASP A 322 15.42 -12.16 -8.52
N VAL A 323 15.52 -11.32 -7.48
CA VAL A 323 15.92 -9.94 -7.72
C VAL A 323 17.04 -9.52 -6.81
N GLN A 324 18.04 -8.84 -7.40
CA GLN A 324 19.12 -8.24 -6.63
C GLN A 324 18.99 -6.73 -6.79
N HIS A 325 19.02 -6.00 -5.68
CA HIS A 325 18.97 -4.51 -5.76
C HIS A 325 20.37 -3.98 -5.54
N ALA A 326 20.65 -2.85 -6.18
CA ALA A 326 21.95 -2.22 -6.06
C ALA A 326 21.63 -0.85 -5.52
N ASP A 327 22.24 -0.54 -4.38
CA ASP A 327 21.96 0.68 -3.64
C ASP A 327 23.03 1.71 -4.04
N ILE A 328 23.12 2.84 -3.32
CA ILE A 328 23.87 3.96 -3.83
C ILE A 328 25.37 3.70 -3.96
N ASP A 329 25.85 2.62 -3.32
CA ASP A 329 27.27 2.22 -3.48
C ASP A 329 27.68 1.88 -4.91
N TYR A 330 26.73 1.49 -5.78
CA TYR A 330 27.11 1.25 -7.18
C TYR A 330 27.53 2.51 -7.91
N MET A 331 27.04 3.65 -7.44
CA MET A 331 27.24 4.92 -8.12
C MET A 331 28.68 5.42 -8.01
N ASP A 332 29.04 6.32 -8.90
CA ASP A 332 30.32 7.02 -8.80
C ASP A 332 30.08 8.19 -7.83
N GLU A 333 30.56 8.05 -6.61
CA GLU A 333 30.36 9.09 -5.56
C GLU A 333 28.88 9.41 -5.32
N ARG A 334 28.07 8.36 -5.23
CA ARG A 334 26.63 8.53 -4.90
C ARG A 334 25.84 9.42 -5.88
N ARG A 335 26.28 9.51 -7.14
CA ARG A 335 25.55 10.26 -8.17
C ARG A 335 24.76 9.35 -9.10
N ASP A 336 23.49 9.72 -9.37
CA ASP A 336 22.59 8.98 -10.27
C ASP A 336 23.20 8.84 -11.64
N PHE A 337 22.94 7.73 -12.29
CA PHE A 337 23.27 7.54 -13.73
C PHE A 337 24.76 7.45 -14.01
N THR A 338 25.49 7.01 -13.01
CA THR A 338 26.91 6.67 -13.09
C THR A 338 27.09 5.35 -12.38
N TYR A 339 28.22 4.68 -12.62
CA TYR A 339 28.66 3.64 -11.68
C TYR A 339 30.15 3.82 -11.42
N ASP A 340 30.59 3.34 -10.26
CA ASP A 340 31.96 3.47 -9.78
C ASP A 340 32.81 2.57 -10.65
N SER A 341 33.62 3.17 -11.52
CA SER A 341 34.44 2.41 -12.48
C SER A 341 35.58 1.64 -11.83
N VAL A 342 35.85 1.87 -10.54
CA VAL A 342 36.81 1.07 -9.81
C VAL A 342 36.12 0.01 -8.94
N ASP A 343 35.34 0.45 -7.97
CA ASP A 343 34.73 -0.51 -7.05
C ASP A 343 33.64 -1.35 -7.71
N PHE A 344 33.04 -0.82 -8.76
CA PHE A 344 32.01 -1.53 -9.55
C PHE A 344 32.45 -1.78 -10.97
N LYS A 345 33.77 -1.95 -11.11
CA LYS A 345 34.36 -2.25 -12.43
C LYS A 345 33.75 -3.55 -12.84
N GLY A 346 33.28 -3.64 -14.06
CA GLY A 346 32.68 -4.88 -14.52
C GLY A 346 31.22 -5.05 -14.15
N PHE A 347 30.58 -3.95 -13.76
CA PHE A 347 29.12 -3.95 -13.51
C PHE A 347 28.30 -4.54 -14.69
N PRO A 348 28.56 -4.09 -15.96
CA PRO A 348 27.80 -4.67 -17.08
C PRO A 348 27.92 -6.19 -17.20
N GLU A 349 29.10 -6.74 -16.89
CA GLU A 349 29.32 -8.19 -16.93
CA GLU A 349 29.31 -8.18 -16.94
C GLU A 349 28.51 -8.88 -15.83
N PHE A 350 28.41 -8.23 -14.70
CA PHE A 350 27.68 -8.78 -13.56
C PHE A 350 26.19 -8.77 -13.88
N VAL A 351 25.72 -7.74 -14.56
CA VAL A 351 24.32 -7.70 -15.01
C VAL A 351 24.01 -8.89 -15.93
N ASN A 352 24.94 -9.20 -16.85
CA ASN A 352 24.77 -10.39 -17.71
C ASN A 352 24.72 -11.68 -16.90
N GLU A 353 25.56 -11.79 -15.88
CA GLU A 353 25.54 -12.98 -14.98
C GLU A 353 24.17 -13.11 -14.31
N LEU A 354 23.66 -12.00 -13.78
CA LEU A 354 22.31 -12.04 -13.18
C LEU A 354 21.30 -12.56 -14.21
N HIS A 355 21.31 -11.96 -15.39
CA HIS A 355 20.35 -12.30 -16.42
C HIS A 355 20.49 -13.78 -16.82
N ASN A 356 21.73 -14.25 -16.94
CA ASN A 356 22.00 -15.64 -17.28
CA ASN A 356 21.95 -15.65 -17.27
C ASN A 356 21.52 -16.62 -16.20
N ASN A 357 21.47 -16.13 -14.97
CA ASN A 357 21.01 -16.94 -13.86
C ASN A 357 19.49 -16.82 -13.65
N GLY A 358 18.84 -16.11 -14.57
CA GLY A 358 17.37 -15.94 -14.54
C GLY A 358 16.92 -14.92 -13.50
N GLN A 359 17.84 -14.03 -13.12
CA GLN A 359 17.58 -13.02 -12.12
C GLN A 359 17.49 -11.61 -12.71
N LYS A 360 17.02 -10.68 -11.87
CA LYS A 360 16.79 -9.32 -12.29
C LYS A 360 17.59 -8.35 -11.44
N LEU A 361 17.92 -7.22 -12.05
CA LEU A 361 18.61 -6.16 -11.31
C LEU A 361 17.67 -4.97 -11.14
N VAL A 362 17.55 -4.50 -9.91
CA VAL A 362 16.81 -3.31 -9.62
C VAL A 362 17.84 -2.30 -9.09
N ILE A 363 17.87 -1.14 -9.70
CA ILE A 363 18.77 -0.05 -9.25
C ILE A 363 18.03 1.03 -8.50
N ILE A 364 18.66 1.56 -7.45
CA ILE A 364 18.14 2.73 -6.77
C ILE A 364 18.49 3.95 -7.62
N VAL A 365 17.56 4.92 -7.66
CA VAL A 365 17.78 6.21 -8.30
C VAL A 365 17.15 7.23 -7.32
N ASP A 366 17.90 8.28 -7.03
CA ASP A 366 17.45 9.32 -6.13
C ASP A 366 16.98 10.48 -6.96
N PRO A 367 16.07 11.31 -6.45
CA PRO A 367 15.69 12.41 -7.29
C PRO A 367 16.75 13.52 -7.32
N ALA A 368 17.46 13.73 -6.22
CA ALA A 368 18.36 14.91 -6.20
C ALA A 368 19.56 14.67 -7.08
N ILE A 369 19.97 15.70 -7.82
CA ILE A 369 20.99 15.59 -8.86
C ILE A 369 22.15 16.52 -8.47
N SER A 370 23.36 15.98 -8.39
CA SER A 370 24.55 16.77 -8.06
C SER A 370 24.65 17.98 -8.97
N ASN A 371 24.92 19.16 -8.40
CA ASN A 371 25.06 20.35 -9.26
C ASN A 371 26.53 20.63 -9.53
N ASN A 372 27.38 19.65 -9.29
CA ASN A 372 28.83 19.85 -9.46
C ASN A 372 29.21 19.41 -10.88
N SER A 373 29.34 20.36 -11.79
CA SER A 373 29.69 20.08 -13.16
C SER A 373 30.53 21.23 -13.66
N SER A 374 31.54 20.92 -14.45
CA SER A 374 32.38 21.97 -15.07
C SER A 374 32.74 21.46 -16.46
N SER A 375 33.41 22.29 -17.27
CA SER A 375 34.00 21.79 -18.53
C SER A 375 35.05 20.74 -18.21
N SER A 376 35.83 20.99 -17.17
CA SER A 376 36.85 20.06 -16.71
C SER A 376 36.25 18.65 -16.50
N LYS A 377 35.29 18.52 -15.58
CA LYS A 377 34.58 17.24 -15.41
C LYS A 377 33.06 17.46 -15.50
N PRO A 378 32.48 17.30 -16.69
CA PRO A 378 31.03 17.50 -16.77
C PRO A 378 30.26 16.41 -16.04
N TYR A 379 29.07 16.77 -15.57
CA TYR A 379 28.15 15.78 -15.00
C TYR A 379 26.88 15.88 -15.83
N GLY A 380 26.75 14.96 -16.77
CA GLY A 380 25.71 14.99 -17.78
C GLY A 380 24.29 15.20 -17.33
N PRO A 381 23.81 14.42 -16.33
CA PRO A 381 22.41 14.61 -15.91
C PRO A 381 22.10 16.04 -15.44
N TYR A 382 23.05 16.65 -14.72
CA TYR A 382 22.88 18.04 -14.30
C TYR A 382 22.94 18.98 -15.50
N ASP A 383 23.94 18.81 -16.36
CA ASP A 383 24.02 19.67 -17.57
C ASP A 383 22.73 19.65 -18.42
N ARG A 384 22.26 18.44 -18.73
CA ARG A 384 21.04 18.28 -19.50
C ARG A 384 19.78 18.80 -18.80
N GLY A 385 19.64 18.54 -17.49
CA GLY A 385 18.49 19.06 -16.75
C GLY A 385 18.50 20.59 -16.71
N SER A 386 19.69 21.16 -16.58
CA SER A 386 19.82 22.62 -16.53
C SER A 386 19.47 23.23 -17.89
N ASP A 387 19.91 22.57 -18.98
CA ASP A 387 19.54 22.99 -20.35
C ASP A 387 18.02 23.04 -20.54
N MET A 388 17.35 22.04 -19.96
CA MET A 388 15.90 21.94 -20.08
C MET A 388 15.11 22.71 -19.03
N LYS A 389 15.81 23.24 -18.04
CA LYS A 389 15.22 24.13 -17.01
C LYS A 389 14.11 23.43 -16.22
N ILE A 390 14.39 22.20 -15.84
CA ILE A 390 13.37 21.35 -15.20
C ILE A 390 13.56 21.18 -13.69
N TRP A 391 14.33 22.06 -13.04
CA TRP A 391 14.52 21.96 -11.58
C TRP A 391 13.43 22.68 -10.81
N VAL A 392 13.23 22.27 -9.55
CA VAL A 392 12.44 23.01 -8.59
C VAL A 392 13.15 24.33 -8.35
N ASN A 393 12.43 25.43 -8.45
CA ASN A 393 13.07 26.75 -8.22
C ASN A 393 12.84 27.28 -6.82
N SER A 394 13.71 28.19 -6.40
CA SER A 394 13.44 29.00 -5.23
C SER A 394 12.24 29.92 -5.43
N SER A 395 11.85 30.59 -4.36
CA SER A 395 10.67 31.39 -4.34
C SER A 395 10.73 32.55 -5.37
N ASP A 396 11.92 32.98 -5.76
CA ASP A 396 12.07 33.97 -6.83
C ASP A 396 11.51 33.49 -8.17
N GLY A 397 11.26 32.19 -8.26
CA GLY A 397 10.63 31.62 -9.43
C GLY A 397 11.56 31.29 -10.58
N VAL A 398 12.86 31.55 -10.43
CA VAL A 398 13.81 31.39 -11.55
C VAL A 398 15.15 30.72 -11.22
N THR A 399 15.49 30.70 -9.94
CA THR A 399 16.75 30.13 -9.54
C THR A 399 16.50 28.74 -8.98
N PRO A 400 17.14 27.72 -9.57
CA PRO A 400 17.00 26.39 -8.98
C PRO A 400 17.37 26.35 -7.50
N LEU A 401 16.51 25.72 -6.72
CA LEU A 401 16.76 25.52 -5.31
C LEU A 401 17.93 24.55 -5.07
N ILE A 402 18.84 24.94 -4.17
CA ILE A 402 19.96 24.08 -3.91
C ILE A 402 19.81 23.47 -2.53
N GLY A 403 19.90 22.15 -2.47
CA GLY A 403 19.86 21.45 -1.19
C GLY A 403 21.06 20.54 -1.06
N GLU A 404 20.96 19.52 -0.24
CA GLU A 404 22.08 18.61 -0.04
CA GLU A 404 22.08 18.60 -0.11
C GLU A 404 21.52 17.22 0.13
N VAL A 405 21.98 16.27 -0.68
CA VAL A 405 21.61 14.84 -0.43
C VAL A 405 22.92 14.01 -0.55
N TRP A 406 22.83 12.76 -0.96
CA TRP A 406 23.97 11.86 -0.97
C TRP A 406 25.24 12.37 -1.69
N PRO A 407 25.11 12.95 -2.89
CA PRO A 407 26.35 13.34 -3.56
C PRO A 407 26.97 14.65 -3.06
N GLY A 408 26.34 15.28 -2.07
CA GLY A 408 26.68 16.67 -1.71
C GLY A 408 25.60 17.61 -2.16
N GLN A 409 25.96 18.83 -2.59
CA GLN A 409 24.96 19.82 -2.99
C GLN A 409 24.21 19.37 -4.23
N THR A 410 22.90 19.63 -4.24
CA THR A 410 22.06 19.12 -5.31
C THR A 410 20.96 20.05 -5.69
N VAL A 411 20.45 19.87 -6.90
CA VAL A 411 19.18 20.46 -7.31
C VAL A 411 18.15 19.31 -7.38
N PHE A 412 16.90 19.67 -7.55
CA PHE A 412 15.81 18.68 -7.45
C PHE A 412 14.93 18.78 -8.70
N PRO A 413 14.67 17.66 -9.37
CA PRO A 413 13.82 17.71 -10.55
C PRO A 413 12.39 18.09 -10.19
N ASP A 414 11.75 18.85 -11.06
CA ASP A 414 10.35 19.20 -10.89
C ASP A 414 9.56 18.21 -11.73
N TYR A 415 9.17 17.10 -11.11
CA TYR A 415 8.51 16.05 -11.89
C TYR A 415 7.10 16.42 -12.27
N THR A 416 6.61 17.55 -11.76
CA THR A 416 5.27 18.01 -12.15
C THR A 416 5.29 18.65 -13.52
N ASN A 417 6.49 18.98 -14.00
CA ASN A 417 6.68 19.53 -15.34
C ASN A 417 6.80 18.36 -16.34
N PRO A 418 5.86 18.25 -17.29
CA PRO A 418 5.93 17.14 -18.29
C PRO A 418 7.28 17.08 -19.01
N ASN A 419 7.92 18.23 -19.19
CA ASN A 419 9.26 18.25 -19.78
C ASN A 419 10.29 17.57 -18.91
N CYS A 420 10.05 17.59 -17.59
CA CYS A 420 10.95 16.87 -16.67
C CYS A 420 10.90 15.37 -16.95
N ALA A 421 9.72 14.83 -17.24
CA ALA A 421 9.64 13.40 -17.56
C ALA A 421 10.44 13.09 -18.82
N VAL A 422 10.52 14.04 -19.75
CA VAL A 422 11.31 13.77 -20.93
C VAL A 422 12.78 13.71 -20.57
N TRP A 423 13.25 14.68 -19.78
CA TRP A 423 14.64 14.70 -19.31
C TRP A 423 14.96 13.38 -18.59
N TRP A 424 14.05 12.99 -17.70
CA TRP A 424 14.25 11.84 -16.84
C TRP A 424 14.33 10.60 -17.71
N THR A 425 13.38 10.50 -18.64
CA THR A 425 13.36 9.34 -19.57
C THR A 425 14.69 9.21 -20.30
N LYS A 426 15.20 10.32 -20.83
CA LYS A 426 16.48 10.27 -21.53
C LYS A 426 17.65 9.87 -20.63
N GLU A 427 17.65 10.28 -19.35
CA GLU A 427 18.71 9.88 -18.45
C GLU A 427 18.70 8.38 -18.25
N PHE A 428 17.52 7.82 -18.11
CA PHE A 428 17.41 6.38 -17.94
C PHE A 428 17.84 5.60 -19.18
N GLU A 429 17.53 6.13 -20.35
CA GLU A 429 17.87 5.51 -21.66
C GLU A 429 19.37 5.46 -21.75
N LEU A 430 20.02 6.62 -21.55
CA LEU A 430 21.48 6.67 -21.53
C LEU A 430 22.11 5.72 -20.54
N PHE A 431 21.59 5.67 -19.31
CA PHE A 431 22.15 4.79 -18.33
C PHE A 431 21.88 3.30 -18.66
N HIS A 432 20.71 3.01 -19.21
CA HIS A 432 20.33 1.60 -19.49
C HIS A 432 21.20 1.06 -20.64
N ASN A 433 21.69 1.96 -21.48
CA ASN A 433 22.69 1.57 -22.49
C ASN A 433 24.00 1.05 -21.91
N GLN A 434 24.37 1.46 -20.69
CA GLN A 434 25.57 1.00 -19.98
C GLN A 434 25.28 -0.16 -19.05
N VAL A 435 24.19 -0.03 -18.30
CA VAL A 435 23.84 -1.02 -17.27
C VAL A 435 22.39 -1.45 -17.54
N GLU A 436 22.19 -2.72 -17.88
CA GLU A 436 20.86 -3.14 -18.34
C GLU A 436 20.01 -3.62 -17.17
N PHE A 437 19.68 -2.69 -16.29
CA PHE A 437 18.79 -2.95 -15.15
C PHE A 437 17.38 -3.25 -15.64
N ASP A 438 16.61 -3.89 -14.75
CA ASP A 438 15.27 -4.39 -15.06
C ASP A 438 14.13 -3.63 -14.39
N GLY A 439 14.48 -2.90 -13.35
CA GLY A 439 13.49 -2.18 -12.58
C GLY A 439 14.18 -1.08 -11.79
N ILE A 440 13.36 -0.25 -11.17
CA ILE A 440 13.86 0.99 -10.60
C ILE A 440 13.31 1.16 -9.19
N TRP A 441 14.19 1.51 -8.27
CA TRP A 441 13.82 1.77 -6.88
C TRP A 441 14.05 3.27 -6.65
N ILE A 442 12.95 4.02 -6.52
CA ILE A 442 13.02 5.49 -6.34
C ILE A 442 12.91 5.82 -4.84
N ASP A 443 13.93 6.49 -4.31
CA ASP A 443 14.08 6.64 -2.87
C ASP A 443 14.23 8.13 -2.54
N MET A 444 14.13 8.47 -1.25
CA MET A 444 14.42 9.86 -0.80
C MET A 444 13.50 10.87 -1.43
N ASN A 445 12.28 10.44 -1.79
CA ASN A 445 11.45 11.26 -2.65
C ASN A 445 10.28 11.92 -1.94
N GLU A 446 10.49 12.26 -0.67
CA GLU A 446 9.46 12.96 0.08
C GLU A 446 9.22 14.42 -0.34
N VAL A 447 10.21 15.22 -0.78
CA VAL A 447 11.59 14.87 -1.02
C VAL A 447 12.45 15.05 0.26
N SER A 448 13.44 14.18 0.46
CA SER A 448 14.38 14.23 1.58
C SER A 448 15.55 15.21 1.24
N ASN A 449 15.84 16.09 2.19
CA ASN A 449 16.89 17.11 2.05
C ASN A 449 17.72 17.00 3.35
N PHE A 450 19.05 16.95 3.23
CA PHE A 450 19.93 16.83 4.39
C PHE A 450 20.12 18.15 5.07
N VAL A 451 19.70 19.23 4.42
CA VAL A 451 19.61 20.55 5.06
C VAL A 451 18.12 20.87 5.14
N ASP A 452 17.74 21.79 6.03
CA ASP A 452 16.32 22.14 6.19
C ASP A 452 15.99 23.23 5.19
N GLY A 453 15.17 22.90 4.19
CA GLY A 453 14.73 23.89 3.21
C GLY A 453 15.66 24.00 2.04
N SER A 454 16.83 24.57 2.28
CA SER A 454 17.80 24.81 1.21
C SER A 454 19.13 25.11 1.91
N VAL A 455 20.20 25.17 1.11
CA VAL A 455 21.52 25.46 1.68
C VAL A 455 21.54 26.86 2.34
N SER A 456 20.54 27.68 2.08
CA SER A 456 20.47 28.96 2.77
C SER A 456 19.22 29.10 3.65
N GLY A 457 18.67 27.94 4.01
CA GLY A 457 17.49 27.88 4.87
C GLY A 457 16.27 28.37 4.11
N CYS A 458 15.31 28.98 4.83
CA CYS A 458 14.00 29.35 4.31
C CYS A 458 13.65 30.70 4.86
N SER A 459 13.13 31.58 4.04
CA SER A 459 12.66 32.89 4.54
C SER A 459 11.49 32.75 5.48
N THR A 460 11.40 33.67 6.43
CA THR A 460 10.27 33.69 7.35
C THR A 460 9.10 34.29 6.59
N ASN A 461 8.05 33.48 6.40
CA ASN A 461 6.84 33.94 5.76
C ASN A 461 5.71 32.93 6.06
N ASN A 462 4.50 33.21 5.60
CA ASN A 462 3.32 32.38 6.00
C ASN A 462 3.33 30.93 5.43
N LEU A 463 4.19 30.68 4.46
CA LEU A 463 4.34 29.30 3.87
C LEU A 463 5.32 28.47 4.69
N ASN A 464 6.51 29.03 4.96
CA ASN A 464 7.51 28.34 5.80
C ASN A 464 7.16 28.31 7.27
N ASN A 465 6.36 29.29 7.69
CA ASN A 465 6.00 29.51 9.08
C ASN A 465 4.52 29.85 9.18
N PRO A 466 3.65 28.84 8.95
CA PRO A 466 2.22 29.10 8.86
C PRO A 466 1.57 29.39 10.22
N PRO A 467 0.35 29.94 10.21
CA PRO A 467 -0.34 30.26 11.48
C PRO A 467 -0.54 29.03 12.37
N PHE A 468 -0.83 27.90 11.73
CA PHE A 468 -1.01 26.66 12.47
C PHE A 468 -0.15 25.59 11.81
N THR A 469 0.59 24.85 12.63
CA THR A 469 1.42 23.73 12.17
C THR A 469 0.89 22.46 12.81
N PRO A 470 0.47 21.48 11.98
CA PRO A 470 0.06 20.17 12.56
C PRO A 470 1.27 19.56 13.28
N ARG A 471 1.06 18.50 14.08
CA ARG A 471 2.13 17.98 14.92
C ARG A 471 3.12 17.07 14.19
N ILE A 472 3.63 17.58 13.08
CA ILE A 472 4.64 16.89 12.31
C ILE A 472 5.97 16.86 13.06
N LEU A 473 6.73 15.78 12.82
CA LEU A 473 8.02 15.62 13.43
C LEU A 473 8.83 16.91 13.30
N ASP A 474 9.38 17.37 14.42
CA ASP A 474 10.21 18.56 14.49
C ASP A 474 9.50 19.88 14.42
N GLY A 475 8.24 19.86 14.02
CA GLY A 475 7.38 21.03 14.15
C GLY A 475 7.58 22.15 13.16
N TYR A 476 8.38 21.92 12.10
CA TYR A 476 8.50 22.87 10.99
C TYR A 476 8.37 22.12 9.69
N LEU A 477 7.57 22.66 8.79
CA LEU A 477 7.25 21.97 7.52
C LEU A 477 8.49 21.71 6.70
N PHE A 478 9.44 22.66 6.73
CA PHE A 478 10.61 22.55 5.85
C PHE A 478 11.71 21.68 6.44
N CYS A 479 11.48 21.09 7.62
CA CYS A 479 12.48 20.19 8.20
CA CYS A 479 12.47 20.21 8.22
C CYS A 479 12.79 19.01 7.33
N LYS A 480 14.08 18.85 7.00
CA LYS A 480 14.56 17.74 6.17
C LYS A 480 13.86 17.63 4.81
N THR A 481 13.40 18.76 4.28
CA THR A 481 12.81 18.79 2.95
C THR A 481 13.07 20.15 2.31
N LEU A 482 12.28 20.52 1.28
CA LEU A 482 12.48 21.80 0.58
C LEU A 482 11.72 22.93 1.25
N CYS A 483 12.14 24.19 1.00
CA CYS A 483 11.38 25.34 1.43
C CYS A 483 9.93 25.24 0.91
N MET A 484 8.99 25.69 1.74
CA MET A 484 7.58 25.67 1.36
C MET A 484 7.24 26.69 0.30
N ASP A 485 8.10 27.72 0.14
CA ASP A 485 7.84 28.63 -0.94
C ASP A 485 8.61 28.34 -2.23
N ALA A 486 9.24 27.17 -2.31
CA ALA A 486 9.83 26.71 -3.56
C ALA A 486 8.69 26.51 -4.58
N VAL A 487 9.05 26.51 -5.85
CA VAL A 487 8.13 26.70 -6.95
C VAL A 487 8.32 25.58 -8.00
N GLN A 488 7.21 24.92 -8.32
CA GLN A 488 7.17 23.85 -9.31
C GLN A 488 5.99 24.12 -10.25
N HIS A 489 5.91 23.34 -11.32
CA HIS A 489 4.87 23.53 -12.31
C HIS A 489 3.44 23.49 -11.73
N TRP A 490 3.16 22.52 -10.84
CA TRP A 490 1.85 22.42 -10.22
C TRP A 490 1.56 23.43 -9.13
N GLY A 491 2.59 24.12 -8.61
CA GLY A 491 2.41 25.21 -7.67
C GLY A 491 3.53 25.22 -6.64
N LYS A 492 3.28 25.83 -5.48
CA LYS A 492 4.27 25.99 -4.44
C LYS A 492 4.41 24.74 -3.61
N GLN A 493 5.60 24.51 -3.09
CA GLN A 493 5.84 23.29 -2.30
C GLN A 493 4.85 23.19 -1.13
N TYR A 494 4.42 24.32 -0.58
CA TYR A 494 3.41 24.28 0.50
C TYR A 494 2.18 23.40 0.11
N ASP A 495 1.76 23.51 -1.15
CA ASP A 495 0.56 22.79 -1.60
C ASP A 495 0.91 21.41 -2.16
N ILE A 496 2.07 21.31 -2.80
CA ILE A 496 2.38 20.08 -3.56
C ILE A 496 3.45 19.18 -2.97
N HIS A 497 3.92 19.52 -1.77
CA HIS A 497 4.99 18.74 -1.13
C HIS A 497 4.58 17.24 -1.10
N ASN A 498 3.36 16.99 -0.68
CA ASN A 498 2.90 15.58 -0.51
C ASN A 498 2.74 14.85 -1.85
N LEU A 499 2.92 15.57 -2.96
CA LEU A 499 2.77 15.02 -4.28
C LEU A 499 4.10 14.78 -4.98
N TYR A 500 5.21 15.04 -4.28
CA TYR A 500 6.51 14.83 -4.92
C TYR A 500 6.79 13.39 -5.33
N GLY A 501 6.65 12.44 -4.39
CA GLY A 501 6.93 11.07 -4.69
C GLY A 501 5.93 10.53 -5.69
N TYR A 502 4.70 11.03 -5.61
CA TYR A 502 3.64 10.60 -6.56
C TYR A 502 4.03 11.07 -7.97
N SER A 503 4.40 12.34 -8.10
CA SER A 503 4.77 12.83 -9.43
C SER A 503 6.05 12.12 -9.95
N MET A 504 6.98 11.78 -9.06
CA MET A 504 8.16 11.07 -9.45
C MET A 504 7.82 9.67 -9.96
N ALA A 505 6.90 9.00 -9.27
CA ALA A 505 6.47 7.63 -9.73
C ALA A 505 5.80 7.69 -11.09
N VAL A 506 4.96 8.69 -11.32
CA VAL A 506 4.31 8.90 -12.62
C VAL A 506 5.37 9.09 -13.74
N ALA A 507 6.33 10.00 -13.52
CA ALA A 507 7.47 10.23 -14.43
C ALA A 507 8.34 9.01 -14.68
N THR A 508 8.53 8.17 -13.66
CA THR A 508 9.36 6.99 -13.78
C THR A 508 8.62 5.91 -14.59
N ALA A 509 7.30 5.83 -14.39
CA ALA A 509 6.43 4.95 -15.24
C ALA A 509 6.49 5.40 -16.70
N GLU A 510 6.54 6.71 -16.91
CA GLU A 510 6.64 7.27 -18.27
C GLU A 510 7.98 6.90 -18.89
N ALA A 511 9.06 7.04 -18.11
CA ALA A 511 10.39 6.61 -18.53
C ALA A 511 10.40 5.13 -18.94
N ALA A 512 9.72 4.30 -18.14
CA ALA A 512 9.64 2.86 -18.40
C ALA A 512 9.05 2.55 -19.79
N LYS A 513 8.15 3.40 -20.27
CA LYS A 513 7.49 3.22 -21.58
C LYS A 513 8.53 3.16 -22.68
N THR A 514 9.57 3.97 -22.53
CA THR A 514 10.68 4.00 -23.50
C THR A 514 11.77 3.01 -23.21
N VAL A 515 12.17 2.89 -21.95
CA VAL A 515 13.31 2.07 -21.56
C VAL A 515 12.95 0.56 -21.62
N PHE A 516 11.69 0.26 -21.34
CA PHE A 516 11.19 -1.14 -21.31
C PHE A 516 9.95 -1.26 -22.15
N PRO A 517 10.11 -1.15 -23.49
CA PRO A 517 8.95 -1.00 -24.33
C PRO A 517 7.99 -2.19 -24.19
N ASN A 518 6.74 -1.88 -23.92
CA ASN A 518 5.66 -2.86 -23.71
C ASN A 518 5.82 -3.79 -22.52
N LYS A 519 6.71 -3.46 -21.59
CA LYS A 519 6.90 -4.30 -20.41
C LYS A 519 6.47 -3.52 -19.19
N ARG A 520 6.08 -4.28 -18.17
CA ARG A 520 5.72 -3.70 -16.87
C ARG A 520 6.91 -3.16 -16.11
N SER A 521 8.04 -3.88 -16.18
CA SER A 521 9.19 -3.57 -15.34
C SER A 521 8.76 -3.60 -13.87
N PHE A 522 9.33 -2.71 -13.06
CA PHE A 522 9.02 -2.73 -11.62
C PHE A 522 9.49 -1.39 -11.11
N ILE A 523 8.62 -0.68 -10.39
CA ILE A 523 9.03 0.56 -9.70
C ILE A 523 8.72 0.41 -8.23
N LEU A 524 9.69 0.72 -7.37
CA LEU A 524 9.48 0.64 -5.92
C LEU A 524 9.67 2.06 -5.41
N THR A 525 8.69 2.60 -4.70
CA THR A 525 8.80 4.03 -4.22
C THR A 525 8.69 4.11 -2.73
N ARG A 526 9.39 5.09 -2.15
CA ARG A 526 9.26 5.34 -0.71
C ARG A 526 8.06 6.26 -0.44
N SER A 527 8.11 7.48 -0.97
CA SER A 527 7.02 8.41 -0.77
C SER A 527 5.83 8.09 -1.69
N THR A 528 4.63 8.22 -1.15
CA THR A 528 3.37 7.91 -1.89
C THR A 528 2.32 9.00 -1.62
N PHE A 529 1.35 9.08 -2.51
CA PHE A 529 0.12 9.77 -2.30
C PHE A 529 -1.00 8.79 -2.72
N ALA A 530 -2.23 9.16 -2.45
CA ALA A 530 -3.38 8.35 -2.89
C ALA A 530 -3.24 8.09 -4.41
N GLY A 531 -3.28 6.82 -4.84
CA GLY A 531 -3.15 6.53 -6.29
C GLY A 531 -1.76 6.11 -6.73
N SER A 532 -0.76 6.21 -5.85
CA SER A 532 0.60 5.76 -6.18
C SER A 532 0.73 4.30 -6.64
N GLY A 533 -0.12 3.44 -6.10
CA GLY A 533 -0.14 2.00 -6.44
C GLY A 533 -0.42 1.71 -7.92
N LYS A 534 -1.00 2.66 -8.62
CA LYS A 534 -1.20 2.52 -10.06
C LYS A 534 0.15 2.41 -10.79
N PHE A 535 1.21 2.93 -10.13
CA PHE A 535 2.54 3.07 -10.69
C PHE A 535 3.58 2.25 -10.02
N ALA A 536 3.44 1.99 -8.70
CA ALA A 536 4.61 1.51 -7.99
C ALA A 536 4.27 0.62 -6.82
N ALA A 537 5.23 -0.20 -6.43
CA ALA A 537 5.23 -0.92 -5.15
C ALA A 537 5.73 0.04 -4.06
N HIS A 538 5.60 -0.39 -2.82
CA HIS A 538 6.11 0.42 -1.70
C HIS A 538 6.84 -0.46 -0.71
N TRP A 539 7.87 0.07 -0.04
CA TRP A 539 8.34 -0.59 1.16
C TRP A 539 8.22 0.35 2.36
N LEU A 540 8.15 -0.24 3.53
CA LEU A 540 7.75 0.51 4.69
C LEU A 540 8.89 1.34 5.28
N GLY A 541 10.04 1.34 4.62
CA GLY A 541 11.12 2.32 4.94
C GLY A 541 12.19 1.78 5.89
N ASP A 542 12.83 2.72 6.58
CA ASP A 542 14.05 2.44 7.34
C ASP A 542 13.74 1.92 8.75
N ASN A 543 13.24 0.68 8.81
CA ASN A 543 12.93 0.06 10.08
C ASN A 543 14.19 -0.39 10.83
N THR A 544 14.00 -1.12 11.92
CA THR A 544 15.13 -1.44 12.82
C THR A 544 15.01 -2.91 13.12
N ALA A 545 16.14 -3.58 13.39
CA ALA A 545 16.11 -4.99 13.70
C ALA A 545 15.66 -5.20 15.15
N THR A 546 14.37 -4.99 15.43
CA THR A 546 13.80 -5.31 16.75
C THR A 546 12.54 -6.14 16.62
N TRP A 547 12.14 -6.79 17.71
CA TRP A 547 10.88 -7.54 17.69
C TRP A 547 9.68 -6.59 17.52
N ASP A 548 9.74 -5.37 18.06
CA ASP A 548 8.62 -4.43 17.86
C ASP A 548 8.44 -4.16 16.36
N ASP A 549 9.53 -3.88 15.66
CA ASP A 549 9.45 -3.62 14.20
C ASP A 549 8.86 -4.80 13.44
N LEU A 550 9.24 -6.01 13.81
CA LEU A 550 8.58 -7.21 13.24
C LEU A 550 7.05 -7.16 13.42
N ARG A 551 6.58 -6.98 14.65
CA ARG A 551 5.14 -6.94 14.92
C ARG A 551 4.45 -5.76 14.16
N TRP A 552 5.09 -4.61 14.16
CA TRP A 552 4.49 -3.43 13.55
C TRP A 552 4.37 -3.51 12.02
N SER A 553 5.09 -4.43 11.41
CA SER A 553 5.04 -4.53 9.94
C SER A 553 3.66 -4.99 9.43
N ILE A 554 2.94 -5.85 10.16
CA ILE A 554 1.72 -6.39 9.58
C ILE A 554 0.63 -5.34 9.41
N PRO A 555 0.35 -4.51 10.44
CA PRO A 555 -0.61 -3.44 10.12
C PRO A 555 -0.17 -2.52 8.97
N GLY A 556 1.13 -2.27 8.81
CA GLY A 556 1.63 -1.38 7.75
C GLY A 556 1.32 -2.01 6.40
N VAL A 557 1.52 -3.35 6.30
CA VAL A 557 1.23 -4.10 5.06
C VAL A 557 -0.29 -4.04 4.77
N LEU A 558 -1.10 -4.37 5.79
CA LEU A 558 -2.56 -4.31 5.60
C LEU A 558 -3.08 -2.94 5.20
N GLU A 559 -2.55 -1.91 5.81
CA GLU A 559 -3.04 -0.57 5.48
C GLU A 559 -2.68 -0.23 4.04
N PHE A 560 -1.47 -0.57 3.59
CA PHE A 560 -1.15 -0.24 2.18
C PHE A 560 -1.96 -1.02 1.16
N ASN A 561 -2.45 -2.18 1.57
CA ASN A 561 -3.41 -2.91 0.71
C ASN A 561 -4.73 -2.18 0.62
N LEU A 562 -5.16 -1.57 1.72
CA LEU A 562 -6.34 -0.70 1.66
C LEU A 562 -6.10 0.48 0.73
N PHE A 563 -4.88 0.98 0.72
CA PHE A 563 -4.57 2.18 -0.09
C PHE A 563 -4.31 1.86 -1.55
N GLY A 564 -4.46 0.60 -1.93
CA GLY A 564 -4.25 0.19 -3.32
C GLY A 564 -2.79 0.07 -3.72
N ILE A 565 -1.93 -0.21 -2.75
CA ILE A 565 -0.51 -0.51 -3.01
C ILE A 565 -0.24 -1.89 -2.42
N PRO A 566 -0.82 -2.95 -3.05
CA PRO A 566 -0.77 -4.26 -2.45
C PRO A 566 0.65 -4.85 -2.38
N MET A 567 1.52 -4.47 -3.30
CA MET A 567 2.91 -4.92 -3.29
C MET A 567 3.69 -4.05 -2.30
N VAL A 568 3.68 -4.49 -1.04
CA VAL A 568 4.24 -3.71 0.08
C VAL A 568 4.86 -4.71 1.04
N GLY A 569 5.93 -4.27 1.68
CA GLY A 569 6.61 -5.06 2.67
C GLY A 569 7.64 -4.20 3.36
N PRO A 570 8.14 -4.64 4.49
CA PRO A 570 9.22 -3.90 5.15
C PRO A 570 10.60 -4.42 4.66
N ASP A 571 11.67 -3.85 5.20
CA ASP A 571 13.02 -4.45 5.05
C ASP A 571 13.07 -5.71 5.99
N ILE A 572 13.02 -6.90 5.40
CA ILE A 572 12.99 -8.11 6.23
C ILE A 572 14.32 -8.23 7.01
N CYS A 573 14.21 -8.56 8.30
CA CYS A 573 15.31 -8.68 9.28
C CYS A 573 15.74 -7.34 9.88
N GLY A 574 15.33 -6.27 9.24
CA GLY A 574 15.50 -4.92 9.80
C GLY A 574 16.65 -4.19 9.16
N PHE A 575 16.38 -2.97 8.72
CA PHE A 575 17.35 -2.10 8.06
C PHE A 575 18.41 -1.69 9.06
N ALA A 576 18.05 -0.86 10.05
CA ALA A 576 19.02 -0.43 11.08
C ALA A 576 19.37 -1.55 12.08
N LEU A 577 20.67 -1.67 12.41
CA LEU A 577 21.20 -2.55 13.48
C LEU A 577 21.53 -3.93 12.97
N ASP A 578 22.47 -4.59 13.65
CA ASP A 578 22.72 -6.00 13.49
C ASP A 578 21.49 -6.80 13.90
N THR A 579 21.11 -7.78 13.07
CA THR A 579 19.91 -8.54 13.36
C THR A 579 20.29 -9.79 14.18
N PRO A 580 19.59 -10.05 15.29
CA PRO A 580 19.75 -11.31 16.03
C PRO A 580 19.28 -12.47 15.14
N GLU A 581 19.98 -13.61 15.18
CA GLU A 581 19.58 -14.79 14.39
C GLU A 581 18.10 -15.15 14.59
N GLU A 582 17.62 -15.10 15.84
CA GLU A 582 16.28 -15.61 16.10
C GLU A 582 15.23 -14.66 15.46
N LEU A 583 15.47 -13.36 15.58
CA LEU A 583 14.59 -12.36 14.99
C LEU A 583 14.60 -12.50 13.46
N CYS A 584 15.79 -12.66 12.87
CA CYS A 584 15.90 -12.77 11.40
C CYS A 584 15.25 -14.06 10.87
N ARG A 585 15.34 -15.16 11.62
CA ARG A 585 14.71 -16.42 11.27
C ARG A 585 13.18 -16.28 11.29
N ARG A 586 12.64 -15.74 12.38
CA ARG A 586 11.19 -15.45 12.43
C ARG A 586 10.76 -14.46 11.32
N TRP A 587 11.58 -13.44 11.09
CA TRP A 587 11.23 -12.43 10.12
C TRP A 587 11.27 -12.97 8.69
N MET A 588 12.23 -13.83 8.39
CA MET A 588 12.25 -14.53 7.09
C MET A 588 11.05 -15.47 6.90
N GLN A 589 10.63 -16.16 7.97
CA GLN A 589 9.46 -16.99 7.86
C GLN A 589 8.22 -16.19 7.52
N LEU A 590 8.02 -15.07 8.24
CA LEU A 590 6.91 -14.20 7.95
C LEU A 590 7.11 -13.50 6.58
N GLY A 591 8.34 -13.07 6.34
CA GLY A 591 8.70 -12.32 5.17
C GLY A 591 8.55 -13.08 3.86
N ALA A 592 8.55 -14.41 3.92
CA ALA A 592 8.20 -15.22 2.72
C ALA A 592 6.75 -14.97 2.26
N PHE A 593 5.95 -14.35 3.13
CA PHE A 593 4.53 -14.10 2.90
C PHE A 593 4.14 -12.65 2.83
N TYR A 594 5.13 -11.75 2.79
CA TYR A 594 4.75 -10.37 2.51
C TYR A 594 4.54 -10.24 0.99
N PRO A 595 3.54 -9.47 0.54
CA PRO A 595 3.34 -9.35 -0.91
C PRO A 595 4.58 -8.80 -1.62
N PHE A 596 5.30 -7.87 -0.99
CA PHE A 596 6.64 -7.50 -1.48
C PHE A 596 7.62 -8.07 -0.49
N SER A 597 8.46 -9.00 -0.94
CA SER A 597 9.34 -9.76 -0.05
C SER A 597 10.82 -9.42 -0.30
N ARG A 598 11.38 -8.55 0.55
CA ARG A 598 12.75 -8.10 0.36
C ARG A 598 13.54 -8.02 1.67
N ASN A 599 14.69 -8.69 1.70
CA ASN A 599 15.63 -8.58 2.81
C ASN A 599 16.58 -7.46 2.42
N HIS A 600 16.65 -6.44 3.27
CA HIS A 600 17.47 -5.27 2.98
C HIS A 600 18.09 -4.82 4.31
N ASN A 601 19.27 -4.18 4.27
CA ASN A 601 20.05 -3.96 5.48
C ASN A 601 20.75 -2.62 5.29
N GLY A 602 20.93 -1.90 6.38
CA GLY A 602 21.62 -0.59 6.38
C GLY A 602 23.15 -0.69 6.30
N GLN A 603 23.77 0.48 6.20
CA GLN A 603 25.20 0.56 5.97
C GLN A 603 25.96 0.11 7.20
N GLY A 604 26.95 -0.77 7.00
CA GLY A 604 27.87 -1.12 8.06
C GLY A 604 27.47 -2.23 8.99
N TYR A 605 26.18 -2.62 9.00
CA TYR A 605 25.74 -3.69 9.89
C TYR A 605 26.18 -5.06 9.41
N LYS A 606 26.18 -6.01 10.35
CA LYS A 606 26.52 -7.41 10.09
C LYS A 606 25.63 -7.88 8.95
N ASP A 607 26.15 -8.76 8.09
CA ASP A 607 25.37 -9.32 6.97
C ASP A 607 24.12 -10.01 7.50
N GLN A 608 23.02 -9.84 6.79
CA GLN A 608 21.81 -10.54 7.15
C GLN A 608 21.11 -11.23 5.98
N ASP A 609 21.82 -11.42 4.87
CA ASP A 609 21.33 -12.21 3.76
C ASP A 609 21.21 -13.64 4.28
N PRO A 610 20.22 -14.38 3.79
CA PRO A 610 19.96 -15.69 4.42
C PRO A 610 21.17 -16.64 4.50
N ALA A 611 21.96 -16.72 3.42
CA ALA A 611 23.08 -17.67 3.39
C ALA A 611 24.25 -17.24 4.29
N SER A 612 24.25 -15.97 4.72
CA SER A 612 25.29 -15.49 5.61
C SER A 612 25.19 -16.12 7.01
N PHE A 613 24.06 -16.76 7.29
CA PHE A 613 23.88 -17.39 8.59
C PHE A 613 24.47 -18.78 8.64
N GLY A 614 24.95 -19.25 7.49
CA GLY A 614 25.57 -20.57 7.41
C GLY A 614 24.82 -21.47 6.46
N ALA A 615 25.58 -22.14 5.60
CA ALA A 615 25.04 -22.98 4.55
C ALA A 615 24.21 -24.11 5.09
N ASP A 616 24.37 -24.46 6.37
CA ASP A 616 23.56 -25.52 6.96
C ASP A 616 22.73 -25.06 8.20
N SER A 617 22.60 -23.74 8.33
CA SER A 617 21.96 -23.12 9.49
C SER A 617 20.44 -23.32 9.45
N LEU A 618 19.83 -23.29 10.62
CA LEU A 618 18.37 -23.36 10.74
C LEU A 618 17.73 -22.19 10.00
N LEU A 619 18.35 -21.02 10.06
CA LEU A 619 17.74 -19.87 9.42
C LEU A 619 17.70 -20.09 7.91
N LEU A 620 18.80 -20.59 7.32
CA LEU A 620 18.85 -20.68 5.85
C LEU A 620 17.89 -21.78 5.40
N ASN A 621 17.87 -22.87 6.15
CA ASN A 621 17.00 -24.01 5.85
C ASN A 621 15.55 -23.59 5.93
N SER A 622 15.20 -22.93 7.02
CA SER A 622 13.82 -22.45 7.15
C SER A 622 13.45 -21.39 6.08
N SER A 623 14.35 -20.44 5.80
CA SER A 623 14.10 -19.44 4.77
C SER A 623 13.86 -20.09 3.42
N ARG A 624 14.72 -21.05 3.05
CA ARG A 624 14.58 -21.73 1.78
C ARG A 624 13.24 -22.47 1.76
N HIS A 625 12.92 -23.12 2.87
CA HIS A 625 11.69 -23.87 2.96
C HIS A 625 10.46 -23.03 2.69
N TYR A 626 10.33 -21.91 3.40
CA TYR A 626 9.12 -21.08 3.28
C TYR A 626 9.11 -20.25 2.00
N LEU A 627 10.28 -19.84 1.55
CA LEU A 627 10.33 -19.23 0.21
C LEU A 627 9.93 -20.24 -0.86
N ASN A 628 10.25 -21.51 -0.66
CA ASN A 628 9.81 -22.49 -1.65
C ASN A 628 8.26 -22.63 -1.64
N ILE A 629 7.69 -22.56 -0.45
CA ILE A 629 6.23 -22.49 -0.34
C ILE A 629 5.67 -21.24 -1.02
N ARG A 630 6.24 -20.07 -0.73
CA ARG A 630 5.80 -18.84 -1.44
C ARG A 630 5.76 -19.07 -2.93
N TYR A 631 6.90 -19.58 -3.46
CA TYR A 631 7.05 -19.73 -4.91
C TYR A 631 6.04 -20.76 -5.41
N THR A 632 5.77 -21.77 -4.63
CA THR A 632 4.76 -22.79 -5.03
C THR A 632 3.38 -22.15 -5.21
N LEU A 633 3.07 -21.16 -4.36
CA LEU A 633 1.76 -20.47 -4.40
C LEU A 633 1.81 -19.22 -5.25
N LEU A 634 2.87 -19.00 -6.02
CA LEU A 634 2.86 -17.82 -6.87
C LEU A 634 1.67 -17.72 -7.85
N PRO A 635 1.20 -18.85 -8.43
CA PRO A 635 0.03 -18.64 -9.26
C PRO A 635 -1.18 -18.09 -8.50
N TYR A 636 -1.38 -18.54 -7.26
CA TYR A 636 -2.45 -18.04 -6.42
C TYR A 636 -2.18 -16.53 -6.12
N LEU A 637 -0.98 -16.21 -5.69
CA LEU A 637 -0.63 -14.81 -5.39
C LEU A 637 -0.83 -13.92 -6.63
N TYR A 638 -0.38 -14.39 -7.78
CA TYR A 638 -0.48 -13.58 -9.01
C TYR A 638 -1.95 -13.37 -9.38
N THR A 639 -2.78 -14.41 -9.18
CA THR A 639 -4.18 -14.24 -9.42
C THR A 639 -4.80 -13.20 -8.45
N LEU A 640 -4.35 -13.18 -7.20
CA LEU A 640 -4.78 -12.14 -6.24
C LEU A 640 -4.40 -10.77 -6.76
N PHE A 641 -3.19 -10.65 -7.28
CA PHE A 641 -2.80 -9.35 -7.90
C PHE A 641 -3.62 -8.96 -9.10
N PHE A 642 -3.98 -9.97 -9.91
CA PHE A 642 -4.88 -9.73 -11.03
C PHE A 642 -6.23 -9.15 -10.53
N ARG A 643 -6.80 -9.75 -9.47
CA ARG A 643 -8.05 -9.23 -8.91
C ARG A 643 -7.87 -7.83 -8.31
N ALA A 644 -6.72 -7.56 -7.71
CA ALA A 644 -6.48 -6.22 -7.18
C ALA A 644 -6.48 -5.20 -8.32
N HIS A 645 -5.80 -5.57 -9.40
CA HIS A 645 -5.64 -4.67 -10.55
C HIS A 645 -6.96 -4.47 -11.31
N SER A 646 -7.74 -5.53 -11.43
CA SER A 646 -8.92 -5.47 -12.30
C SER A 646 -10.19 -5.13 -11.58
N ARG A 647 -10.24 -5.48 -10.30
CA ARG A 647 -11.46 -5.38 -9.56
C ARG A 647 -11.29 -4.54 -8.28
N GLY A 648 -10.06 -4.48 -7.77
CA GLY A 648 -9.74 -3.65 -6.60
C GLY A 648 -9.70 -4.40 -5.27
N ASP A 649 -9.70 -5.75 -5.31
CA ASP A 649 -9.57 -6.56 -4.09
C ASP A 649 -8.20 -6.32 -3.40
N THR A 650 -8.11 -6.53 -2.09
CA THR A 650 -6.81 -6.52 -1.40
C THR A 650 -6.05 -7.81 -1.72
N VAL A 651 -4.74 -7.82 -1.49
CA VAL A 651 -3.93 -9.03 -1.66
C VAL A 651 -3.60 -9.60 -0.28
N ALA A 652 -2.83 -8.86 0.51
CA ALA A 652 -2.69 -9.16 1.94
C ALA A 652 -3.91 -8.55 2.63
N ARG A 653 -4.68 -9.38 3.32
CA ARG A 653 -6.05 -9.06 3.66
C ARG A 653 -6.21 -9.30 5.14
N PRO A 654 -6.91 -8.37 5.85
CA PRO A 654 -7.15 -8.58 7.30
C PRO A 654 -8.08 -9.76 7.48
N LEU A 655 -7.98 -10.48 8.59
CA LEU A 655 -9.02 -11.49 8.82
C LEU A 655 -10.43 -10.98 8.75
N LEU A 656 -10.66 -9.76 9.22
CA LEU A 656 -12.02 -9.22 9.32
C LEU A 656 -12.66 -8.97 7.95
N HIS A 657 -11.87 -8.88 6.87
CA HIS A 657 -12.46 -8.66 5.57
C HIS A 657 -13.15 -9.93 5.13
N GLU A 658 -12.67 -11.06 5.62
CA GLU A 658 -13.35 -12.33 5.30
C GLU A 658 -14.29 -12.78 6.38
N PHE A 659 -14.02 -12.37 7.63
CA PHE A 659 -14.76 -12.95 8.76
C PHE A 659 -15.39 -11.87 9.62
N TYR A 660 -15.86 -10.81 8.96
CA TYR A 660 -16.49 -9.63 9.62
C TYR A 660 -17.66 -9.98 10.52
N GLU A 661 -18.29 -11.14 10.30
CA GLU A 661 -19.43 -11.55 11.13
C GLU A 661 -18.97 -11.92 12.53
N ASP A 662 -17.67 -12.14 12.67
CA ASP A 662 -17.10 -12.61 13.92
C ASP A 662 -16.31 -11.48 14.57
N ASN A 663 -16.88 -10.82 15.61
CA ASN A 663 -16.18 -9.70 16.23
C ASN A 663 -14.78 -10.02 16.80
N SER A 664 -14.45 -11.29 17.08
CA SER A 664 -13.08 -11.66 17.47
C SER A 664 -12.02 -11.37 16.40
N THR A 665 -12.43 -11.11 15.17
CA THR A 665 -11.44 -10.80 14.13
C THR A 665 -11.20 -9.30 13.99
N TRP A 666 -12.05 -8.47 14.60
CA TRP A 666 -11.99 -7.02 14.29
C TRP A 666 -10.70 -6.35 14.73
N ASP A 667 -10.03 -6.94 15.70
CA ASP A 667 -8.82 -6.44 16.30
C ASP A 667 -7.58 -7.18 15.81
N VAL A 668 -7.74 -8.19 14.98
CA VAL A 668 -6.61 -9.12 14.77
C VAL A 668 -5.60 -8.44 13.87
N HIS A 669 -4.35 -8.34 14.30
CA HIS A 669 -3.31 -7.64 13.54
C HIS A 669 -1.97 -8.44 13.60
N GLN A 670 -1.96 -9.62 14.22
CA GLN A 670 -0.76 -10.46 14.30
C GLN A 670 -0.88 -11.69 13.35
N GLN A 671 -1.98 -11.73 12.59
CA GLN A 671 -2.17 -12.77 11.58
C GLN A 671 -2.73 -12.01 10.37
N PHE A 672 -2.61 -12.57 9.18
CA PHE A 672 -3.33 -12.01 8.04
C PHE A 672 -3.58 -13.11 7.01
N LEU A 673 -4.30 -12.77 5.94
CA LEU A 673 -4.57 -13.73 4.88
C LEU A 673 -3.86 -13.32 3.61
N TRP A 674 -3.55 -14.30 2.76
CA TRP A 674 -3.40 -14.02 1.35
C TRP A 674 -4.76 -14.24 0.72
N GLY A 675 -5.37 -13.18 0.21
CA GLY A 675 -6.73 -13.25 -0.41
C GLY A 675 -7.70 -13.88 0.61
N PRO A 676 -8.61 -14.72 0.13
CA PRO A 676 -9.67 -15.31 0.97
C PRO A 676 -9.25 -16.58 1.69
N GLY A 677 -8.12 -17.17 1.29
CA GLY A 677 -7.96 -18.59 1.52
C GLY A 677 -6.78 -19.05 2.32
N LEU A 678 -5.73 -18.23 2.44
CA LEU A 678 -4.52 -18.68 3.12
C LEU A 678 -4.31 -17.87 4.38
N LEU A 679 -4.35 -18.55 5.53
CA LEU A 679 -4.16 -17.89 6.83
C LEU A 679 -2.67 -17.99 7.29
N ILE A 680 -2.07 -16.83 7.54
CA ILE A 680 -0.67 -16.80 7.99
C ILE A 680 -0.60 -16.40 9.47
N THR A 681 0.07 -17.25 10.23
CA THR A 681 0.21 -17.07 11.69
C THR A 681 1.68 -17.16 12.13
N PRO A 682 2.39 -16.01 12.15
CA PRO A 682 3.78 -15.99 12.56
C PRO A 682 4.00 -15.98 14.04
N VAL A 683 5.16 -16.50 14.44
CA VAL A 683 5.62 -16.26 15.80
C VAL A 683 6.26 -14.87 15.75
N LEU A 684 5.87 -14.03 16.70
CA LEU A 684 6.29 -12.61 16.68
C LEU A 684 6.88 -12.16 18.01
N ASP A 685 7.11 -13.12 18.91
CA ASP A 685 7.63 -12.86 20.27
C ASP A 685 8.96 -13.58 20.50
N GLU A 686 9.93 -12.83 21.01
CA GLU A 686 11.26 -13.32 21.25
C GLU A 686 11.19 -14.51 22.22
N GLY A 687 11.92 -15.57 21.89
CA GLY A 687 11.94 -16.78 22.71
C GLY A 687 10.80 -17.74 22.46
N ALA A 688 9.75 -17.28 21.77
CA ALA A 688 8.52 -18.06 21.65
C ALA A 688 8.60 -19.23 20.66
N GLU A 689 7.97 -20.35 21.04
CA GLU A 689 7.82 -21.48 20.15
C GLU A 689 6.32 -21.83 20.01
N LYS A 690 5.54 -20.77 20.16
CA LYS A 690 4.10 -20.81 20.22
C LYS A 690 3.61 -19.45 19.81
N VAL A 691 2.38 -19.41 19.35
CA VAL A 691 1.72 -18.14 19.22
C VAL A 691 0.24 -18.23 19.60
N MET A 692 -0.24 -17.23 20.33
CA MET A 692 -1.67 -17.10 20.62
C MET A 692 -2.27 -16.60 19.30
N ALA A 693 -3.17 -17.38 18.74
CA ALA A 693 -3.66 -17.16 17.38
C ALA A 693 -5.17 -17.22 17.39
N TYR A 694 -5.82 -16.47 16.51
CA TYR A 694 -7.25 -16.67 16.30
C TYR A 694 -7.52 -17.57 15.08
N VAL A 695 -8.34 -18.58 15.30
CA VAL A 695 -8.79 -19.43 14.20
C VAL A 695 -10.24 -19.07 13.83
N PRO A 696 -10.43 -18.44 12.65
CA PRO A 696 -11.77 -18.05 12.24
C PRO A 696 -12.76 -19.17 12.04
N ASP A 697 -14.01 -18.79 11.77
CA ASP A 697 -15.14 -19.73 11.58
C ASP A 697 -15.16 -20.35 10.17
N ALA A 698 -14.22 -21.28 9.94
CA ALA A 698 -14.14 -21.99 8.68
C ALA A 698 -13.48 -23.31 9.01
N VAL A 699 -13.55 -24.24 8.06
CA VAL A 699 -12.71 -25.42 8.09
C VAL A 699 -11.29 -24.98 7.72
N TRP A 700 -10.29 -25.42 8.48
CA TRP A 700 -8.88 -25.08 8.14
C TRP A 700 -8.03 -26.33 8.05
N TYR A 701 -7.10 -26.33 7.10
CA TYR A 701 -6.15 -27.43 6.94
C TYR A 701 -4.74 -26.97 7.06
N ASP A 702 -3.93 -27.71 7.80
CA ASP A 702 -2.48 -27.45 7.82
C ASP A 702 -1.92 -27.51 6.39
N TYR A 703 -1.22 -26.46 5.98
CA TYR A 703 -0.73 -26.41 4.61
C TYR A 703 0.22 -27.59 4.32
N GLU A 704 1.09 -27.93 5.24
CA GLU A 704 2.12 -28.93 4.93
C GLU A 704 1.61 -30.36 4.94
N THR A 705 0.82 -30.70 5.95
CA THR A 705 0.35 -32.08 6.11
C THR A 705 -0.98 -32.29 5.40
N GLY A 706 -1.73 -31.19 5.24
CA GLY A 706 -3.06 -31.22 4.72
C GLY A 706 -4.12 -31.66 5.75
N SER A 707 -3.69 -31.89 6.99
CA SER A 707 -4.63 -32.37 8.00
CA SER A 707 -4.60 -32.35 8.06
C SER A 707 -5.60 -31.27 8.45
N GLN A 708 -6.87 -31.65 8.62
CA GLN A 708 -7.88 -30.72 9.14
C GLN A 708 -7.67 -30.43 10.61
N VAL A 709 -7.53 -29.16 10.97
CA VAL A 709 -7.34 -28.78 12.37
C VAL A 709 -8.67 -28.93 13.10
N ARG A 710 -8.60 -29.18 14.40
CA ARG A 710 -9.85 -29.31 15.15
C ARG A 710 -10.42 -27.91 15.46
N TRP A 711 -9.53 -26.94 15.50
CA TRP A 711 -9.93 -25.58 15.89
C TRP A 711 -10.87 -24.94 14.91
N ARG A 712 -11.85 -24.20 15.44
CA ARG A 712 -12.77 -23.41 14.61
C ARG A 712 -13.38 -22.27 15.44
N LYS A 713 -13.26 -21.05 14.93
CA LYS A 713 -13.85 -19.90 15.60
C LYS A 713 -13.43 -19.85 17.06
N GLN A 714 -12.13 -19.81 17.29
CA GLN A 714 -11.63 -19.78 18.65
C GLN A 714 -10.18 -19.35 18.70
N LYS A 715 -9.79 -18.85 19.86
CA LYS A 715 -8.42 -18.46 20.11
C LYS A 715 -7.67 -19.72 20.48
N VAL A 716 -6.46 -19.89 19.97
CA VAL A 716 -5.69 -21.11 20.17
C VAL A 716 -4.25 -20.77 20.52
N GLU A 717 -3.56 -21.70 21.16
CA GLU A 717 -2.10 -21.62 21.30
C GLU A 717 -1.50 -22.50 20.20
N MET A 718 -1.04 -21.87 19.13
CA MET A 718 -0.54 -22.64 18.02
C MET A 718 0.92 -22.98 18.29
N GLU A 719 1.26 -24.25 18.17
CA GLU A 719 2.63 -24.70 18.48
C GLU A 719 3.46 -24.52 17.23
N LEU A 720 4.46 -23.65 17.34
CA LEU A 720 5.29 -23.25 16.21
C LEU A 720 6.76 -23.21 16.63
N PRO A 721 7.45 -24.34 16.53
CA PRO A 721 8.88 -24.42 16.85
C PRO A 721 9.71 -23.47 15.98
N GLY A 722 11.00 -23.36 16.29
CA GLY A 722 11.86 -22.40 15.60
C GLY A 722 11.88 -22.51 14.09
N ASP A 723 11.51 -23.68 13.54
CA ASP A 723 11.47 -23.93 12.07
C ASP A 723 10.09 -23.78 11.42
N LYS A 724 9.11 -23.24 12.15
CA LYS A 724 7.73 -23.20 11.66
C LYS A 724 7.09 -21.82 11.68
N ILE A 725 6.23 -21.56 10.69
CA ILE A 725 5.25 -20.48 10.76
C ILE A 725 3.92 -21.15 10.45
N GLY A 726 2.86 -20.65 11.07
CA GLY A 726 1.52 -21.17 10.80
C GLY A 726 1.01 -20.82 9.42
N LEU A 727 0.56 -21.84 8.71
CA LEU A 727 -0.01 -21.66 7.39
C LEU A 727 -1.15 -22.62 7.28
N HIS A 728 -2.38 -22.10 7.12
CA HIS A 728 -3.56 -22.94 6.97
C HIS A 728 -4.40 -22.54 5.80
N LEU A 729 -5.02 -23.53 5.16
CA LEU A 729 -5.80 -23.32 3.96
C LEU A 729 -7.25 -23.42 4.33
N ARG A 730 -8.01 -22.46 3.85
CA ARG A 730 -9.47 -22.39 4.13
C ARG A 730 -10.31 -23.39 3.34
N GLY A 731 -11.12 -24.17 4.04
CA GLY A 731 -12.07 -25.02 3.36
C GLY A 731 -13.04 -24.22 2.50
N GLY A 732 -13.24 -24.72 1.27
CA GLY A 732 -14.14 -24.10 0.31
C GLY A 732 -13.35 -23.42 -0.81
N TYR A 733 -12.02 -23.56 -0.74
CA TYR A 733 -11.13 -22.86 -1.69
C TYR A 733 -10.20 -23.82 -2.43
N ILE A 734 -9.89 -23.43 -3.67
CA ILE A 734 -9.04 -24.23 -4.53
C ILE A 734 -7.88 -23.31 -4.91
N PHE A 735 -6.66 -23.80 -4.68
CA PHE A 735 -5.44 -23.00 -4.81
C PHE A 735 -4.63 -23.56 -5.96
N PRO A 736 -4.38 -22.72 -6.99
CA PRO A 736 -3.47 -23.19 -8.02
C PRO A 736 -2.00 -23.03 -7.57
N THR A 737 -1.19 -23.99 -7.97
CA THR A 737 0.21 -24.04 -7.56
C THR A 737 1.09 -24.38 -8.77
N GLN A 738 2.38 -24.15 -8.60
CA GLN A 738 3.35 -24.49 -9.65
C GLN A 738 4.63 -24.88 -8.95
N GLN A 739 5.22 -26.00 -9.36
CA GLN A 739 6.42 -26.51 -8.75
C GLN A 739 7.43 -25.39 -8.71
N PRO A 740 8.03 -25.16 -7.54
CA PRO A 740 8.91 -23.99 -7.41
C PRO A 740 10.29 -24.20 -8.06
N ASN A 741 10.97 -23.10 -8.36
CA ASN A 741 12.37 -23.20 -8.76
C ASN A 741 12.96 -21.94 -8.14
N THR A 742 14.27 -21.79 -8.23
CA THR A 742 14.93 -20.65 -7.57
C THR A 742 14.68 -19.30 -8.29
N THR A 743 14.10 -19.28 -9.48
CA THR A 743 13.67 -18.03 -10.12
C THR A 743 12.31 -18.28 -10.71
N THR A 744 11.54 -17.21 -10.88
CA THR A 744 10.23 -17.34 -11.52
C THR A 744 10.44 -17.52 -13.02
N LEU A 745 11.59 -17.08 -13.55
CA LEU A 745 11.81 -17.29 -15.00
C LEU A 745 11.65 -18.80 -15.24
N ALA A 746 12.30 -19.57 -14.39
CA ALA A 746 12.22 -21.02 -14.49
C ALA A 746 10.94 -21.60 -13.91
N SER A 747 10.48 -21.15 -12.75
CA SER A 747 9.31 -21.82 -12.12
C SER A 747 8.08 -21.75 -13.02
N ARG A 748 7.96 -20.69 -13.81
CA ARG A 748 6.81 -20.53 -14.67
C ARG A 748 6.70 -21.60 -15.75
N LYS A 749 7.80 -22.28 -16.02
CA LYS A 749 7.84 -23.37 -17.00
C LYS A 749 7.45 -24.71 -16.35
N ASN A 750 7.22 -24.72 -15.05
CA ASN A 750 7.05 -26.02 -14.33
C ASN A 750 5.60 -26.56 -14.31
N PRO A 751 5.42 -27.85 -14.00
CA PRO A 751 4.06 -28.40 -13.89
C PRO A 751 3.22 -27.67 -12.83
N LEU A 752 1.93 -27.54 -13.08
CA LEU A 752 0.99 -26.93 -12.16
C LEU A 752 0.30 -27.98 -11.26
N GLY A 753 -0.31 -27.49 -10.20
CA GLY A 753 -1.02 -28.39 -9.29
C GLY A 753 -2.26 -27.66 -8.83
N LEU A 754 -3.15 -28.39 -8.20
CA LEU A 754 -4.32 -27.78 -7.57
C LEU A 754 -4.35 -28.31 -6.16
N ILE A 755 -4.64 -27.43 -5.20
CA ILE A 755 -4.97 -27.89 -3.81
C ILE A 755 -6.46 -27.58 -3.61
N ILE A 756 -7.26 -28.62 -3.35
CA ILE A 756 -8.69 -28.42 -3.19
C ILE A 756 -8.99 -28.64 -1.70
N ALA A 757 -9.33 -27.58 -0.98
CA ALA A 757 -9.53 -27.62 0.46
C ALA A 757 -11.06 -27.68 0.59
N LEU A 758 -11.60 -28.86 0.89
CA LEU A 758 -13.05 -29.01 0.90
C LEU A 758 -13.72 -28.31 2.11
N ASP A 759 -14.88 -27.68 1.89
CA ASP A 759 -15.65 -27.15 3.02
C ASP A 759 -16.53 -28.26 3.63
N GLU A 760 -17.41 -27.88 4.56
CA GLU A 760 -18.25 -28.86 5.29
C GLU A 760 -19.19 -29.56 4.33
N ASN A 761 -19.51 -28.91 3.22
CA ASN A 761 -20.34 -29.55 2.21
C ASN A 761 -19.56 -30.29 1.13
N LYS A 762 -18.24 -30.43 1.32
CA LYS A 762 -17.37 -31.13 0.38
C LYS A 762 -17.37 -30.38 -0.96
N GLU A 763 -17.41 -29.07 -0.86
CA GLU A 763 -17.38 -28.20 -2.05
C GLU A 763 -16.21 -27.23 -1.95
N ALA A 764 -15.78 -26.69 -3.09
CA ALA A 764 -14.74 -25.66 -3.08
C ALA A 764 -14.72 -24.97 -4.42
N LYS A 765 -14.17 -23.75 -4.46
CA LYS A 765 -14.12 -23.04 -5.72
C LYS A 765 -12.80 -22.29 -5.77
N GLY A 766 -12.31 -22.02 -6.97
CA GLY A 766 -11.03 -21.27 -7.07
C GLY A 766 -10.94 -20.76 -8.49
N GLU A 767 -9.87 -20.03 -8.77
CA GLU A 767 -9.66 -19.52 -10.13
C GLU A 767 -8.16 -19.37 -10.36
N LEU A 768 -7.81 -19.21 -11.64
CA LEU A 768 -6.41 -18.98 -11.99
C LEU A 768 -6.35 -18.00 -13.16
N PHE A 769 -5.60 -16.91 -12.99
CA PHE A 769 -5.27 -15.96 -14.08
C PHE A 769 -3.89 -16.33 -14.59
N TRP A 770 -3.70 -16.29 -15.91
CA TRP A 770 -2.41 -16.62 -16.44
C TRP A 770 -2.20 -15.85 -17.72
N ASP A 771 -1.16 -15.05 -17.71
CA ASP A 771 -0.72 -14.36 -18.94
C ASP A 771 0.77 -14.50 -19.05
N ASP A 772 1.44 -13.66 -19.88
CA ASP A 772 2.86 -13.86 -20.09
C ASP A 772 3.73 -13.32 -18.95
N GLY A 773 3.11 -12.73 -17.95
CA GLY A 773 3.83 -12.31 -16.73
C GLY A 773 4.59 -11.00 -16.83
N GLU A 774 4.59 -10.36 -18.00
CA GLU A 774 5.43 -9.16 -18.14
C GLU A 774 4.94 -8.06 -19.08
N THR A 775 4.11 -8.40 -20.05
CA THR A 775 3.68 -7.40 -21.06
C THR A 775 2.67 -6.41 -20.46
N LYS A 776 2.80 -5.13 -20.84
CA LYS A 776 1.83 -4.11 -20.37
C LYS A 776 0.50 -4.30 -21.16
N ASP A 777 -0.64 -3.95 -20.57
CA ASP A 777 -1.96 -3.94 -21.28
C ASP A 777 -2.52 -5.34 -21.62
N THR A 778 -1.94 -6.37 -21.02
CA THR A 778 -2.37 -7.74 -21.20
C THR A 778 -3.86 -7.92 -20.76
N VAL A 779 -4.28 -7.21 -19.70
CA VAL A 779 -5.67 -7.28 -19.24
C VAL A 779 -6.55 -6.40 -20.13
N ALA A 780 -6.17 -5.14 -20.29
CA ALA A 780 -6.84 -4.21 -21.20
C ALA A 780 -7.03 -4.80 -22.58
N ASN A 781 -5.99 -5.47 -23.11
CA ASN A 781 -6.03 -5.99 -24.48
C ASN A 781 -6.55 -7.41 -24.52
N LYS A 782 -6.93 -7.93 -23.36
CA LYS A 782 -7.54 -9.26 -23.27
C LYS A 782 -6.67 -10.31 -23.89
N VAL A 783 -5.43 -10.39 -23.42
CA VAL A 783 -4.53 -11.47 -23.84
C VAL A 783 -4.20 -12.22 -22.57
N TYR A 784 -5.15 -13.04 -22.12
CA TYR A 784 -4.86 -13.83 -20.93
C TYR A 784 -5.78 -15.02 -20.86
N LEU A 785 -5.47 -15.89 -19.92
CA LEU A 785 -6.30 -17.05 -19.61
C LEU A 785 -6.91 -16.78 -18.24
N LEU A 786 -8.21 -17.03 -18.11
CA LEU A 786 -8.82 -17.01 -16.80
C LEU A 786 -9.63 -18.27 -16.70
N CYS A 787 -9.36 -19.10 -15.71
CA CYS A 787 -10.19 -20.29 -15.58
C CYS A 787 -10.71 -20.45 -14.18
N GLU A 788 -11.75 -21.26 -14.03
CA GLU A 788 -12.47 -21.34 -12.75
C GLU A 788 -12.50 -22.79 -12.43
N PHE A 789 -12.34 -23.10 -11.15
CA PHE A 789 -12.35 -24.48 -10.66
C PHE A 789 -13.51 -24.58 -9.71
N SER A 790 -14.29 -25.66 -9.79
CA SER A 790 -15.34 -25.87 -8.79
C SER A 790 -15.47 -27.34 -8.52
N VAL A 791 -15.66 -27.67 -7.25
CA VAL A 791 -15.84 -29.04 -6.83
C VAL A 791 -17.17 -29.09 -6.09
N THR A 792 -18.00 -30.06 -6.43
CA THR A 792 -19.31 -30.18 -5.77
C THR A 792 -19.58 -31.61 -6.04
N GLN A 793 -19.88 -32.33 -4.95
CA GLN A 793 -19.36 -33.68 -4.74
C GLN A 793 -19.16 -34.62 -5.92
N ASN A 794 -18.08 -35.38 -5.78
CA ASN A 794 -17.71 -36.40 -6.74
C ASN A 794 -17.17 -35.74 -8.01
N ARG A 795 -17.04 -34.41 -8.07
CA ARG A 795 -16.71 -33.81 -9.39
C ARG A 795 -15.93 -32.49 -9.30
N LEU A 796 -14.82 -32.38 -10.03
CA LEU A 796 -14.10 -31.10 -10.21
C LEU A 796 -14.38 -30.69 -11.64
N GLU A 797 -14.76 -29.44 -11.83
CA GLU A 797 -14.87 -28.89 -13.15
C GLU A 797 -13.82 -27.82 -13.29
N VAL A 798 -13.15 -27.84 -14.45
CA VAL A 798 -12.24 -26.76 -14.84
C VAL A 798 -12.93 -26.10 -16.04
N ASN A 799 -13.27 -24.83 -15.88
CA ASN A 799 -14.02 -24.06 -16.85
C ASN A 799 -13.16 -22.89 -17.29
N ILE A 800 -13.22 -22.60 -18.58
CA ILE A 800 -12.37 -21.57 -19.14
C ILE A 800 -13.26 -20.39 -19.41
N SER A 801 -13.02 -19.28 -18.76
CA SER A 801 -13.82 -18.11 -19.02
C SER A 801 -13.16 -17.11 -20.00
N GLN A 802 -11.83 -17.04 -20.04
CA GLN A 802 -11.13 -16.20 -21.03
C GLN A 802 -9.99 -17.03 -21.52
N SER A 803 -9.80 -17.03 -22.83
CA SER A 803 -8.95 -18.00 -23.45
C SER A 803 -8.13 -17.36 -24.56
N THR A 804 -7.49 -16.23 -24.29
CA THR A 804 -6.77 -15.54 -25.35
C THR A 804 -5.25 -15.48 -25.17
N TYR A 805 -4.72 -16.35 -24.32
CA TYR A 805 -3.30 -16.52 -24.16
C TYR A 805 -3.02 -18.02 -23.96
N LYS A 806 -2.10 -18.55 -24.75
CA LYS A 806 -1.68 -19.92 -24.56
C LYS A 806 -0.18 -19.94 -24.33
N ASP A 807 0.20 -20.29 -23.09
CA ASP A 807 1.58 -20.32 -22.70
C ASP A 807 2.35 -21.34 -23.55
N PRO A 808 3.52 -20.93 -24.12
CA PRO A 808 4.20 -21.87 -25.01
C PRO A 808 4.91 -23.05 -24.34
N ASN A 809 4.90 -23.10 -23.00
CA ASN A 809 5.72 -24.05 -22.29
C ASN A 809 5.00 -25.36 -21.95
N ASN A 810 3.90 -25.66 -22.62
CA ASN A 810 3.23 -26.98 -22.45
C ASN A 810 2.78 -27.18 -21.01
N LEU A 811 2.19 -26.14 -20.43
CA LEU A 811 1.90 -26.22 -18.98
C LEU A 811 0.65 -27.07 -18.76
N ALA A 812 0.65 -27.86 -17.68
CA ALA A 812 -0.53 -28.64 -17.39
C ALA A 812 -0.55 -28.86 -15.90
N PHE A 813 -1.75 -29.08 -15.37
CA PHE A 813 -1.92 -29.57 -13.97
C PHE A 813 -1.58 -31.02 -13.96
N ASN A 814 -0.55 -31.41 -13.21
CA ASN A 814 -0.17 -32.81 -13.18
C ASN A 814 -0.43 -33.44 -11.83
N GLU A 815 -1.04 -32.67 -10.93
CA GLU A 815 -1.30 -33.16 -9.56
C GLU A 815 -2.48 -32.40 -8.96
N ILE A 816 -3.38 -33.15 -8.34
CA ILE A 816 -4.53 -32.56 -7.65
C ILE A 816 -4.50 -33.16 -6.24
N LYS A 817 -4.44 -32.29 -5.24
CA LYS A 817 -4.43 -32.75 -3.84
C LYS A 817 -5.76 -32.30 -3.25
N ILE A 818 -6.52 -33.25 -2.68
CA ILE A 818 -7.86 -32.97 -2.14
C ILE A 818 -7.78 -33.19 -0.63
N LEU A 819 -8.12 -32.14 0.12
CA LEU A 819 -8.08 -32.15 1.58
C LEU A 819 -9.50 -32.31 2.12
N GLY A 820 -9.62 -33.13 3.15
CA GLY A 820 -10.88 -33.29 3.85
C GLY A 820 -11.82 -34.25 3.14
N THR A 821 -11.24 -35.23 2.48
CA THR A 821 -12.03 -36.13 1.66
C THR A 821 -11.98 -37.57 2.14
N GLU A 822 -13.08 -38.28 1.90
CA GLU A 822 -13.08 -39.73 2.00
C GLU A 822 -12.39 -40.29 0.75
N GLU A 823 -11.95 -41.53 0.82
CA GLU A 823 -11.22 -42.12 -0.31
C GLU A 823 -11.94 -42.02 -1.67
N PRO A 824 -11.31 -41.34 -2.65
CA PRO A 824 -11.89 -41.35 -3.98
C PRO A 824 -11.63 -42.73 -4.63
N SER A 825 -12.61 -43.23 -5.37
CA SER A 825 -12.36 -44.38 -6.22
C SER A 825 -12.85 -44.08 -7.62
N ASN A 826 -12.43 -44.91 -8.58
CA ASN A 826 -12.78 -44.77 -10.01
C ASN A 826 -12.61 -43.34 -10.53
N VAL A 827 -11.46 -42.72 -10.35
CA VAL A 827 -11.24 -41.35 -10.85
C VAL A 827 -11.17 -41.35 -12.37
N THR A 828 -11.96 -40.51 -13.00
CA THR A 828 -12.00 -40.44 -14.44
C THR A 828 -11.85 -38.98 -14.86
N VAL A 829 -11.24 -38.76 -16.01
CA VAL A 829 -10.96 -37.41 -16.45
C VAL A 829 -11.59 -37.29 -17.83
N LYS A 830 -12.40 -36.26 -18.03
CA LYS A 830 -13.00 -36.02 -19.34
C LYS A 830 -12.59 -34.67 -19.87
N HIS A 831 -12.41 -34.61 -21.18
CA HIS A 831 -12.07 -33.36 -21.85
C HIS A 831 -13.19 -33.08 -22.80
N ASN A 832 -13.84 -31.92 -22.63
CA ASN A 832 -15.06 -31.59 -23.37
C ASN A 832 -16.00 -32.79 -23.44
N GLY A 833 -16.09 -33.54 -22.34
CA GLY A 833 -17.02 -34.69 -22.26
C GLY A 833 -16.47 -36.06 -22.59
N VAL A 834 -15.24 -36.11 -23.12
CA VAL A 834 -14.65 -37.36 -23.57
C VAL A 834 -13.48 -37.80 -22.68
N PRO A 835 -13.46 -39.07 -22.22
CA PRO A 835 -12.24 -39.63 -21.63
C PRO A 835 -11.20 -39.51 -22.75
N SER A 836 -9.90 -39.38 -22.51
CA SER A 836 -9.14 -39.83 -21.34
C SER A 836 -9.56 -41.21 -20.84
N THR A 838 -7.66 -42.14 -19.45
CA THR A 838 -6.27 -42.53 -19.21
C THR A 838 -6.09 -42.48 -17.68
N SER A 839 -6.30 -43.62 -17.02
CA SER A 839 -6.53 -43.69 -15.56
C SER A 839 -5.47 -43.06 -14.64
N PRO A 840 -5.85 -41.99 -13.91
CA PRO A 840 -4.90 -41.33 -13.01
C PRO A 840 -4.48 -42.22 -11.84
N THR A 841 -3.35 -41.90 -11.24
CA THR A 841 -2.92 -42.56 -10.03
C THR A 841 -3.50 -41.83 -8.81
N VAL A 842 -4.06 -42.57 -7.85
CA VAL A 842 -4.59 -41.93 -6.66
C VAL A 842 -3.88 -42.49 -5.43
N THR A 843 -3.33 -41.60 -4.59
CA THR A 843 -2.77 -42.00 -3.31
C THR A 843 -3.65 -41.45 -2.21
N TYR A 844 -3.95 -42.27 -1.19
CA TYR A 844 -4.83 -41.82 -0.14
C TYR A 844 -4.28 -42.09 1.24
N ASP A 845 -4.45 -41.10 2.12
CA ASP A 845 -4.02 -41.16 3.48
C ASP A 845 -5.31 -41.12 4.30
N SER A 846 -5.71 -42.28 4.80
CA SER A 846 -6.99 -42.33 5.49
C SER A 846 -6.96 -41.68 6.91
N ASN A 847 -5.79 -41.56 7.53
CA ASN A 847 -5.70 -40.90 8.84
C ASN A 847 -5.88 -39.38 8.67
N LEU A 848 -5.29 -38.84 7.61
CA LEU A 848 -5.34 -37.40 7.34
C LEU A 848 -6.51 -36.95 6.46
N LYS A 849 -7.19 -37.89 5.79
CA LYS A 849 -8.28 -37.62 4.84
C LYS A 849 -7.75 -36.75 3.67
N VAL A 850 -6.59 -37.15 3.15
CA VAL A 850 -5.94 -36.44 2.02
C VAL A 850 -5.77 -37.41 0.84
N ALA A 851 -6.23 -36.99 -0.33
CA ALA A 851 -6.05 -37.73 -1.57
C ALA A 851 -5.14 -36.91 -2.49
N ILE A 852 -4.20 -37.58 -3.17
CA ILE A 852 -3.41 -36.91 -4.21
C ILE A 852 -3.62 -37.69 -5.48
N ILE A 853 -4.06 -36.97 -6.52
CA ILE A 853 -4.26 -37.53 -7.85
C ILE A 853 -3.05 -37.13 -8.66
N THR A 854 -2.36 -38.12 -9.23
CA THR A 854 -1.20 -37.86 -10.09
C THR A 854 -1.34 -38.69 -11.36
N ASP A 855 -0.29 -38.67 -12.19
CA ASP A 855 -0.37 -39.24 -13.54
C ASP A 855 -1.60 -38.69 -14.29
N ILE A 856 -1.72 -37.36 -14.25
CA ILE A 856 -2.75 -36.68 -14.98
C ILE A 856 -2.07 -35.58 -15.73
N ASP A 857 -2.72 -35.09 -16.76
CA ASP A 857 -2.15 -34.05 -17.59
C ASP A 857 -3.30 -33.17 -18.04
N LEU A 858 -3.70 -32.21 -17.21
CA LEU A 858 -4.81 -31.34 -17.59
C LEU A 858 -4.23 -30.06 -18.16
N LEU A 859 -4.29 -29.91 -19.46
CA LEU A 859 -3.58 -28.80 -20.08
C LEU A 859 -4.14 -27.50 -19.63
N LEU A 860 -3.25 -26.56 -19.31
CA LEU A 860 -3.68 -25.23 -18.97
C LEU A 860 -4.46 -24.64 -20.14
N GLY A 861 -5.65 -24.14 -19.83
CA GLY A 861 -6.50 -23.53 -20.83
C GLY A 861 -7.47 -24.46 -21.53
N GLU A 862 -7.55 -25.70 -21.08
CA GLU A 862 -8.55 -26.66 -21.60
C GLU A 862 -9.57 -26.96 -20.48
N ALA A 863 -10.82 -27.15 -20.87
CA ALA A 863 -11.88 -27.52 -19.92
C ALA A 863 -11.81 -29.01 -19.63
N TYR A 864 -12.05 -29.36 -18.38
CA TYR A 864 -12.05 -30.75 -17.96
C TYR A 864 -13.07 -30.95 -16.88
N THR A 865 -13.55 -32.19 -16.79
CA THR A 865 -14.25 -32.68 -15.61
C THR A 865 -13.43 -33.85 -15.05
N VAL A 866 -13.22 -33.88 -13.74
CA VAL A 866 -12.56 -35.01 -13.11
C VAL A 866 -13.61 -35.49 -12.11
N GLU A 867 -13.99 -36.76 -12.20
CA GLU A 867 -15.07 -37.28 -11.39
C GLU A 867 -14.55 -38.47 -10.64
N TRP A 868 -15.12 -38.70 -9.47
CA TRP A 868 -14.81 -39.88 -8.69
C TRP A 868 -16.02 -40.37 -7.93
N ALA A 869 -15.88 -41.56 -7.36
CA ALA A 869 -16.88 -42.13 -6.47
C ALA A 869 -16.25 -42.29 -5.09
N HIS A 870 -17.05 -42.68 -4.10
CA HIS A 870 -16.54 -42.90 -2.74
C HIS A 870 -16.92 -44.30 -2.24
#